data_3NKO
#
_entry.id   3NKO
#
_cell.length_a   61.545
_cell.length_b   94.403
_cell.length_c   75.243
_cell.angle_alpha   90.000
_cell.angle_beta   94.980
_cell.angle_gamma   90.000
#
_symmetry.space_group_name_H-M   'P 1 21 1'
#
loop_
_entity.id
_entity.type
_entity.pdbx_description
1 polymer 'Ectonucleotide pyrophosphatase/phosphodiesterase family member 2'
2 branched 2-acetamido-2-deoxy-beta-D-glucopyranose-(1-4)-2-acetamido-2-deoxy-beta-D-glucopyranose
3 branched alpha-D-mannopyranose-(1-2)-alpha-D-mannopyranose-(1-3)-alpha-D-mannopyranose-(1-6)-beta-D-mannopyranose-(1-4)-2-acetamido-2-deoxy-beta-D-glucopyranose-(1-4)-2-acetamido-2-deoxy-beta-D-glucopyranose
4 non-polymer 'ZINC ION'
5 non-polymer 'CALCIUM ION'
6 non-polymer 'SODIUM ION'
7 non-polymer 'POTASSIUM ION'
8 non-polymer '(2R)-2-hydroxy-3-(phosphonooxy)propyl hexadecanoate'
9 non-polymer 'THIOCYANATE ION'
10 non-polymer 1,2-ETHANEDIOL
11 water water
#
_entity_poly.entity_id   1
_entity_poly.type   'polypeptide(L)'
_entity_poly.pdbx_seq_one_letter_code
;AEWDEGPPTVLSDSPWTNTSGSCKGRCFELQEVGPPDCRCDNLCKSYSSCCHDFDELCLKTARGWECTKDRCGEVRNEEN
ACHCSEDCLSRGDCCTNYQVVCKGESHWVDDDCEEIRVPECPAGFVRPPLIIFSVDGFRASYMKKGSKVMPNIEKLRSCG
THAPYMRPVYPTKTFPNLYTLATGLYPESHGIVGNSMYDPVFDATFHLRGREKFNHRWWGGQPLWITATKQGVRAGTFFW
SVSIPHERRILTILQWLSLPDNERPSVYAFYSEQPDFSGHKYGPFGPEMTNPLREIDKTVGQLMDGLKQLKLHRCVNVIF
VGDHGMEDVTCDRTEFLSNYLTNVDDITLVPGTLGRIRPKIPNNLKYDPKAIIANLTCKKPDQHFKPYMKQHLPKRLHYA
NNRRIEDLHLLVERRWHVARKPLDVYKKPSGKCFFQGDHGFDNKVNSMQTVFVGYGPTFKYRTKVPPFENIELYNVMCDL
LGLKPAPNNGTHGSLNHLLRTNTFRPTLPEEVSRPNYPGIMYLQSDFDLGCTCDDKNKLEELNKRLHTKGSTEERHLLYG
RPAVLYRTSYDILYHTDFESGYSEIFLMPLWTSYTISKQAEVSSIPEHLTNCVRPDVRVSPGFSQNCLAYKNDKQMSYGF
LFPPYLSSSPEAKYDAFLVTNMVPMYPAFKRVWTYFQRVLVKKYASERNGVNVISGPIFDYNYNGLRDIEDEIKQYVEGS
SIPVPTHYYSIITSCLDFTQPADKCDGPLSVSSFILPHRPDNDESCNSSEDESKWVEELMKMHTARVRDIEHLTGLDFYR
KTSRSYSEILTLKTYLHTYESEISRENLYFQ
;
_entity_poly.pdbx_strand_id   A
#
# COMPACT_ATOMS: atom_id res chain seq x y z
N TRP A 16 4.70 -14.65 38.33
CA TRP A 16 5.77 -13.96 39.02
C TRP A 16 7.13 -14.21 38.38
N THR A 17 7.94 -13.16 38.30
CA THR A 17 9.29 -13.27 37.75
C THR A 17 10.34 -13.08 38.84
N ASN A 18 11.20 -14.10 39.00
CA ASN A 18 12.28 -14.04 39.98
C ASN A 18 13.38 -13.10 39.52
N THR A 19 13.25 -11.84 39.88
CA THR A 19 14.18 -10.81 39.46
C THR A 19 15.53 -10.90 40.14
N SER A 20 15.73 -11.93 40.96
CA SER A 20 16.94 -12.04 41.74
C SER A 20 18.10 -12.68 40.98
N GLY A 21 17.77 -13.36 39.88
CA GLY A 21 18.78 -13.91 39.00
C GLY A 21 19.72 -12.84 38.47
N SER A 22 20.72 -13.24 37.70
CA SER A 22 21.70 -12.30 37.17
C SER A 22 21.77 -12.37 35.63
N CYS A 23 22.02 -11.22 35.01
CA CYS A 23 22.23 -11.17 33.56
C CYS A 23 23.69 -11.37 33.21
N LYS A 24 24.45 -11.94 34.15
CA LYS A 24 25.87 -12.22 33.90
C LYS A 24 26.01 -13.20 32.74
N GLY A 25 26.80 -12.82 31.74
CA GLY A 25 26.97 -13.61 30.54
C GLY A 25 25.71 -13.84 29.72
N ARG A 26 24.72 -12.98 29.90
CA ARG A 26 23.40 -13.18 29.27
C ARG A 26 22.86 -11.96 28.54
N CYS A 27 23.59 -10.84 28.59
CA CYS A 27 23.09 -9.59 28.02
C CYS A 27 22.59 -9.74 26.57
N PHE A 28 21.36 -9.29 26.34
CA PHE A 28 20.72 -9.40 25.04
C PHE A 28 20.85 -10.81 24.48
N GLU A 29 20.59 -11.79 25.32
CA GLU A 29 20.56 -13.18 24.89
C GLU A 29 19.38 -13.35 23.95
N LEU A 30 19.48 -14.32 23.04
CA LEU A 30 18.44 -14.55 22.04
C LEU A 30 17.47 -15.65 22.45
N GLN A 31 17.91 -16.52 23.33
CA GLN A 31 17.10 -17.60 23.87
C GLN A 31 15.82 -17.06 24.53
N GLU A 32 14.72 -17.79 24.35
CA GLU A 32 13.46 -17.43 24.99
C GLU A 32 13.50 -17.78 26.48
N VAL A 33 13.06 -16.85 27.31
CA VAL A 33 13.10 -17.04 28.76
C VAL A 33 11.83 -16.54 29.43
N GLY A 34 11.02 -17.47 29.93
CA GLY A 34 9.76 -17.14 30.56
C GLY A 34 9.78 -17.34 32.07
N PRO A 35 8.79 -16.77 32.77
CA PRO A 35 8.69 -16.93 34.22
C PRO A 35 8.86 -18.39 34.64
N PRO A 36 9.43 -18.60 35.84
CA PRO A 36 9.76 -17.51 36.76
C PRO A 36 11.17 -16.93 36.56
N ASP A 37 11.90 -17.41 35.56
CA ASP A 37 13.24 -16.92 35.29
C ASP A 37 13.20 -15.47 34.80
N CYS A 38 14.14 -14.65 35.28
CA CYS A 38 14.22 -13.25 34.88
C CYS A 38 14.99 -13.09 33.56
N ARG A 39 14.75 -11.99 32.86
CA ARG A 39 15.23 -11.85 31.48
C ARG A 39 16.32 -10.81 31.31
N CYS A 40 16.99 -10.85 30.15
CA CYS A 40 18.06 -9.92 29.85
C CYS A 40 18.02 -9.40 28.41
N ASP A 41 16.83 -9.41 27.81
CA ASP A 41 16.66 -8.98 26.42
C ASP A 41 15.97 -7.61 26.34
N ASN A 42 15.48 -7.25 25.16
CA ASN A 42 14.79 -5.97 24.95
C ASN A 42 13.43 -5.84 25.62
N LEU A 43 12.61 -6.84 25.44
CA LEU A 43 11.27 -6.80 25.99
C LEU A 43 11.28 -6.83 27.52
N CYS A 44 12.44 -7.05 28.13
CA CYS A 44 12.43 -7.33 29.56
C CYS A 44 11.90 -6.15 30.36
N LYS A 45 12.38 -4.94 30.06
CA LYS A 45 11.93 -3.76 30.79
C LYS A 45 10.43 -3.61 30.66
N SER A 46 9.94 -3.76 29.44
CA SER A 46 8.53 -3.57 29.13
C SER A 46 7.65 -4.55 29.91
N TYR A 47 8.24 -5.65 30.35
CA TYR A 47 7.49 -6.68 31.06
C TYR A 47 7.82 -6.76 32.55
N SER A 48 8.60 -5.80 33.04
CA SER A 48 9.05 -5.85 34.43
C SER A 48 9.57 -7.24 34.75
N SER A 49 10.57 -7.68 33.99
CA SER A 49 11.10 -9.03 34.13
C SER A 49 12.61 -9.06 34.00
N CYS A 50 13.22 -7.89 33.88
CA CYS A 50 14.68 -7.83 33.80
C CYS A 50 15.27 -8.33 35.11
N CYS A 51 16.43 -8.96 35.01
CA CYS A 51 17.17 -9.34 36.21
C CYS A 51 17.66 -8.06 36.89
N HIS A 52 17.99 -8.15 38.17
CA HIS A 52 18.30 -6.96 38.96
C HIS A 52 19.54 -6.23 38.47
N ASP A 53 20.36 -6.92 37.68
CA ASP A 53 21.59 -6.31 37.21
C ASP A 53 21.57 -6.11 35.69
N PHE A 54 20.38 -6.14 35.09
CA PHE A 54 20.25 -5.87 33.66
C PHE A 54 20.82 -4.50 33.30
N ASP A 55 20.26 -3.45 33.89
CA ASP A 55 20.71 -2.10 33.56
C ASP A 55 22.22 -1.95 33.80
N GLU A 56 22.70 -2.51 34.90
CA GLU A 56 24.12 -2.42 35.26
C GLU A 56 25.05 -3.20 34.34
N LEU A 57 24.70 -4.45 34.04
CA LEU A 57 25.56 -5.30 33.21
C LEU A 57 25.40 -5.06 31.70
N CYS A 58 24.18 -4.73 31.27
CA CYS A 58 23.85 -4.76 29.86
C CYS A 58 23.74 -3.38 29.20
N LEU A 59 23.65 -2.34 30.00
CA LEU A 59 23.46 -1.00 29.46
C LEU A 59 24.58 -0.06 29.89
N LYS A 60 25.81 -0.53 29.81
CA LYS A 60 26.96 0.31 30.13
C LYS A 60 27.06 1.54 29.23
N THR A 61 27.50 2.66 29.80
CA THR A 61 27.63 3.92 29.07
C THR A 61 29.01 4.54 29.20
N ALA A 62 29.80 4.03 30.15
CA ALA A 62 31.11 4.59 30.47
C ALA A 62 32.00 4.89 29.28
N ARG A 63 32.45 6.15 29.19
CA ARG A 63 33.39 6.60 28.16
C ARG A 63 32.76 6.82 26.77
N GLY A 64 31.44 6.66 26.66
CA GLY A 64 30.79 6.96 25.40
C GLY A 64 31.03 5.91 24.32
N TRP A 65 30.79 6.30 23.07
CA TRP A 65 30.63 5.33 21.98
C TRP A 65 31.76 5.31 20.97
N GLU A 66 32.79 6.11 21.21
CA GLU A 66 33.87 6.24 20.25
C GLU A 66 35.24 6.01 20.88
N CYS A 67 36.09 5.29 20.16
CA CYS A 67 37.50 5.21 20.51
C CYS A 67 38.16 6.57 20.25
N THR A 68 39.08 6.93 21.12
CA THR A 68 39.98 8.08 20.91
C THR A 68 41.40 7.54 20.87
N LYS A 69 42.31 8.25 20.20
CA LYS A 69 43.70 7.79 20.10
C LYS A 69 44.26 7.34 21.46
N ASP A 70 43.91 8.06 22.52
CA ASP A 70 44.45 7.79 23.85
C ASP A 70 43.88 6.52 24.47
N ARG A 71 43.06 5.80 23.72
CA ARG A 71 42.47 4.54 24.21
C ARG A 71 42.99 3.33 23.46
N CYS A 72 43.69 3.57 22.35
CA CYS A 72 44.13 2.47 21.51
C CYS A 72 45.03 1.51 22.29
N GLY A 73 44.78 0.22 22.12
CA GLY A 73 45.56 -0.79 22.83
C GLY A 73 45.50 -0.67 24.34
N GLU A 74 44.44 -0.03 24.82
CA GLU A 74 44.21 0.05 26.27
C GLU A 74 44.10 -1.35 26.84
N VAL A 75 44.12 -1.46 28.16
CA VAL A 75 43.75 -2.70 28.81
C VAL A 75 42.25 -2.71 29.05
N ARG A 76 41.62 -3.82 28.66
CA ARG A 76 40.17 -3.98 28.72
C ARG A 76 39.56 -3.69 30.09
N ASN A 77 38.74 -2.64 30.16
CA ASN A 77 37.90 -2.39 31.33
C ASN A 77 36.46 -2.74 30.99
N GLU A 78 35.93 -3.74 31.68
CA GLU A 78 34.59 -4.25 31.40
C GLU A 78 33.49 -3.27 31.77
N GLU A 79 33.87 -2.10 32.27
CA GLU A 79 32.89 -1.10 32.69
C GLU A 79 32.54 -0.18 31.51
N ASN A 80 33.43 -0.14 30.52
CA ASN A 80 33.26 0.74 29.37
C ASN A 80 32.14 0.28 28.43
N ALA A 81 31.55 1.24 27.73
CA ALA A 81 30.45 0.98 26.81
C ALA A 81 30.88 0.12 25.62
N CYS A 82 32.05 0.42 25.08
CA CYS A 82 32.66 -0.37 24.02
C CYS A 82 34.18 -0.27 24.20
N HIS A 83 34.92 -1.06 23.44
CA HIS A 83 36.32 -1.26 23.75
C HIS A 83 37.28 -0.88 22.61
N CYS A 84 38.51 -0.59 23.00
CA CYS A 84 39.54 -0.16 22.06
C CYS A 84 40.82 -0.94 22.35
N SER A 85 40.66 -1.97 23.18
CA SER A 85 41.74 -2.87 23.53
C SER A 85 42.01 -3.84 22.39
N GLU A 86 43.23 -4.38 22.38
CA GLU A 86 43.72 -5.22 21.29
C GLU A 86 42.87 -6.47 21.01
N ASP A 87 42.16 -6.95 22.02
CA ASP A 87 41.32 -8.15 21.88
C ASP A 87 39.85 -7.88 21.49
N CYS A 88 39.48 -6.60 21.33
CA CYS A 88 38.08 -6.27 21.13
C CYS A 88 37.49 -6.94 19.90
N LEU A 89 38.31 -7.08 18.85
CA LEU A 89 37.85 -7.63 17.59
C LEU A 89 37.32 -9.06 17.73
N SER A 90 38.17 -9.97 18.19
CA SER A 90 37.75 -11.37 18.34
C SER A 90 36.62 -11.51 19.37
N ARG A 91 36.51 -10.55 20.29
CA ARG A 91 35.42 -10.54 21.25
C ARG A 91 34.17 -9.87 20.69
N GLY A 92 34.32 -9.20 19.55
CA GLY A 92 33.21 -8.58 18.85
C GLY A 92 32.57 -7.36 19.52
N ASP A 93 33.33 -6.64 20.34
CA ASP A 93 32.77 -5.52 21.08
C ASP A 93 33.63 -4.25 21.03
N CYS A 94 34.37 -4.06 19.95
CA CYS A 94 35.07 -2.80 19.71
C CYS A 94 34.04 -1.69 19.52
N CYS A 95 34.42 -0.45 19.84
CA CYS A 95 33.67 0.71 19.35
C CYS A 95 33.76 0.66 17.83
N THR A 96 32.72 1.13 17.14
CA THR A 96 32.68 0.94 15.70
C THR A 96 33.81 1.66 14.95
N ASN A 97 34.41 2.66 15.58
CA ASN A 97 35.43 3.46 14.91
C ASN A 97 36.83 2.99 15.29
N TYR A 98 36.90 1.84 15.95
CA TYR A 98 38.17 1.35 16.50
C TYR A 98 39.28 1.29 15.46
N GLN A 99 39.03 0.62 14.35
CA GLN A 99 40.06 0.48 13.35
C GLN A 99 40.47 1.79 12.69
N VAL A 100 39.51 2.69 12.47
CA VAL A 100 39.87 3.96 11.86
C VAL A 100 40.84 4.71 12.78
N VAL A 101 40.51 4.75 14.06
CA VAL A 101 41.27 5.52 15.00
C VAL A 101 42.55 4.82 15.43
N CYS A 102 42.47 3.51 15.64
CA CYS A 102 43.55 2.74 16.25
C CYS A 102 44.42 1.96 15.26
N LYS A 103 43.90 1.73 14.06
CA LYS A 103 44.62 0.90 13.10
C LYS A 103 44.78 1.54 11.72
N GLY A 104 44.48 2.83 11.62
CA GLY A 104 44.66 3.55 10.36
C GLY A 104 43.69 3.23 9.22
N GLU A 105 42.61 2.53 9.52
CA GLU A 105 41.62 2.22 8.50
C GLU A 105 40.78 3.44 8.10
N SER A 106 40.03 3.31 7.01
CA SER A 106 39.14 4.37 6.56
C SER A 106 37.69 4.09 7.00
N HIS A 107 36.93 5.13 7.31
CA HIS A 107 35.49 4.99 7.47
C HIS A 107 34.92 4.43 6.17
N TRP A 108 33.89 3.58 6.27
CA TRP A 108 33.26 3.02 5.09
C TRP A 108 32.80 4.09 4.09
N VAL A 109 32.34 5.22 4.60
CA VAL A 109 31.72 6.22 3.74
C VAL A 109 32.80 6.86 2.87
N ASP A 110 34.05 6.78 3.32
CA ASP A 110 35.14 7.42 2.59
C ASP A 110 35.69 6.53 1.47
N ASP A 111 35.24 5.27 1.45
CA ASP A 111 35.66 4.32 0.44
C ASP A 111 34.82 4.43 -0.82
N ASP A 112 35.50 4.35 -1.95
CA ASP A 112 34.83 4.31 -3.24
C ASP A 112 33.79 3.21 -3.30
N CYS A 113 32.70 3.51 -3.98
CA CYS A 113 31.69 2.49 -4.26
CA CYS A 113 31.68 2.51 -4.28
C CYS A 113 32.24 1.46 -5.23
N GLU A 114 31.96 0.20 -4.94
CA GLU A 114 32.37 -0.88 -5.82
C GLU A 114 31.26 -1.92 -5.91
N GLU A 115 30.91 -2.31 -7.12
CA GLU A 115 29.87 -3.30 -7.31
C GLU A 115 30.13 -4.57 -6.50
N ILE A 116 29.12 -5.04 -5.77
CA ILE A 116 29.24 -6.31 -5.05
C ILE A 116 28.50 -7.36 -5.86
N ARG A 117 29.24 -8.14 -6.65
CA ARG A 117 28.64 -9.01 -7.63
C ARG A 117 28.16 -10.36 -7.05
N VAL A 118 28.78 -10.77 -5.95
CA VAL A 118 28.36 -11.97 -5.22
C VAL A 118 28.73 -11.72 -3.79
N PRO A 119 28.05 -12.38 -2.82
CA PRO A 119 28.41 -12.03 -1.45
C PRO A 119 29.86 -12.38 -1.13
N GLU A 120 30.55 -11.48 -0.43
CA GLU A 120 31.88 -11.76 0.05
C GLU A 120 31.80 -11.91 1.56
N CYS A 121 31.54 -13.13 2.01
CA CYS A 121 31.26 -13.38 3.42
C CYS A 121 32.35 -14.25 4.02
N PRO A 122 32.58 -14.08 5.34
CA PRO A 122 33.61 -14.83 6.05
C PRO A 122 33.25 -16.29 6.10
N ALA A 123 34.21 -17.11 6.49
CA ALA A 123 33.97 -18.53 6.64
C ALA A 123 32.84 -18.74 7.63
N GLY A 124 31.90 -19.63 7.31
CA GLY A 124 30.83 -19.92 8.24
C GLY A 124 29.52 -19.25 7.90
N PHE A 125 29.58 -18.22 7.05
CA PHE A 125 28.35 -17.57 6.58
C PHE A 125 27.79 -18.28 5.33
N VAL A 126 26.59 -18.83 5.47
CA VAL A 126 26.02 -19.66 4.43
C VAL A 126 25.18 -18.83 3.47
N ARG A 127 24.61 -17.75 3.98
CA ARG A 127 23.81 -16.81 3.19
C ARG A 127 24.06 -15.39 3.69
N PRO A 128 23.82 -14.40 2.83
CA PRO A 128 24.02 -13.01 3.28
C PRO A 128 22.98 -12.64 4.35
N PRO A 129 23.41 -12.19 5.53
CA PRO A 129 22.42 -11.70 6.52
C PRO A 129 21.64 -10.51 5.95
N LEU A 130 20.45 -10.28 6.49
CA LEU A 130 19.65 -9.10 6.12
C LEU A 130 19.54 -8.19 7.34
N ILE A 131 19.83 -6.91 7.15
CA ILE A 131 19.67 -5.93 8.23
C ILE A 131 18.66 -4.91 7.73
N ILE A 132 17.57 -4.75 8.47
CA ILE A 132 16.55 -3.78 8.12
C ILE A 132 16.77 -2.58 9.02
N PHE A 133 17.09 -1.43 8.44
CA PHE A 133 17.33 -0.20 9.18
C PHE A 133 16.11 0.69 8.95
N SER A 134 15.18 0.72 9.92
CA SER A 134 13.95 1.51 9.78
CA SER A 134 13.97 1.51 9.75
C SER A 134 14.10 2.88 10.43
N VAL A 135 13.61 3.91 9.74
CA VAL A 135 13.63 5.23 10.28
C VAL A 135 12.19 5.76 10.31
N ASP A 136 11.82 6.42 11.40
CA ASP A 136 10.45 6.87 11.57
C ASP A 136 10.27 8.26 10.98
N GLY A 137 9.24 8.45 10.16
CA GLY A 137 8.88 9.78 9.66
C GLY A 137 9.89 10.34 8.67
N PHE A 138 10.65 9.46 8.03
CA PHE A 138 11.61 9.84 6.99
C PHE A 138 10.91 10.13 5.67
N ARG A 139 10.61 11.40 5.46
CA ARG A 139 10.00 11.84 4.22
C ARG A 139 10.92 11.60 3.03
N ALA A 140 10.34 11.12 1.94
CA ALA A 140 11.11 10.74 0.75
C ALA A 140 11.99 11.92 0.30
N SER A 141 11.44 13.11 0.36
CA SER A 141 12.16 14.27 -0.16
C SER A 141 13.37 14.66 0.70
N TYR A 142 13.48 14.11 1.92
CA TYR A 142 14.66 14.43 2.73
C TYR A 142 15.92 13.93 2.06
N MET A 143 15.80 12.91 1.22
CA MET A 143 16.98 12.34 0.56
C MET A 143 17.67 13.36 -0.32
N LYS A 144 16.89 14.33 -0.79
CA LYS A 144 17.45 15.39 -1.62
C LYS A 144 18.55 16.17 -0.92
N LYS A 145 18.62 16.06 0.40
CA LYS A 145 19.67 16.74 1.17
C LYS A 145 21.05 16.14 0.85
N GLY A 146 21.04 14.88 0.43
CA GLY A 146 22.25 14.28 -0.15
C GLY A 146 23.42 14.21 0.80
N SER A 147 24.62 14.07 0.23
CA SER A 147 25.83 13.79 1.01
C SER A 147 26.29 14.95 1.89
N LYS A 148 25.76 16.15 1.63
CA LYS A 148 26.10 17.28 2.49
C LYS A 148 25.57 17.09 3.88
N VAL A 149 24.45 16.37 3.99
CA VAL A 149 23.87 16.16 5.29
C VAL A 149 23.99 14.69 5.69
N MET A 150 23.88 13.79 4.72
CA MET A 150 23.76 12.35 5.01
C MET A 150 24.67 11.54 4.12
N PRO A 151 25.98 11.69 4.34
CA PRO A 151 26.93 11.04 3.42
C PRO A 151 26.83 9.51 3.39
N ASN A 152 26.68 8.85 4.55
CA ASN A 152 26.54 7.39 4.56
C ASN A 152 25.29 6.92 3.82
N ILE A 153 24.18 7.56 4.12
CA ILE A 153 22.93 7.20 3.46
C ILE A 153 22.99 7.49 1.96
N GLU A 154 23.57 8.62 1.59
CA GLU A 154 23.71 8.94 0.19
C GLU A 154 24.55 7.89 -0.54
N LYS A 155 25.56 7.34 0.13
CA LYS A 155 26.36 6.29 -0.50
C LYS A 155 25.52 5.03 -0.67
N LEU A 156 24.78 4.64 0.36
CA LEU A 156 23.86 3.51 0.19
C LEU A 156 22.90 3.70 -0.99
N ARG A 157 22.35 4.91 -1.09
CA ARG A 157 21.36 5.26 -2.10
C ARG A 157 21.94 5.29 -3.49
N SER A 158 23.07 5.97 -3.65
CA SER A 158 23.64 6.12 -4.98
C SER A 158 24.28 4.81 -5.46
N CYS A 159 24.84 4.02 -4.54
CA CYS A 159 25.53 2.83 -4.99
CA CYS A 159 25.58 2.81 -4.92
C CYS A 159 24.69 1.58 -5.02
N GLY A 160 23.61 1.56 -4.24
CA GLY A 160 22.70 0.44 -4.26
C GLY A 160 21.53 0.62 -5.20
N THR A 161 20.37 0.13 -4.78
CA THR A 161 19.13 0.20 -5.51
C THR A 161 18.20 1.11 -4.71
N HIS A 162 17.63 2.11 -5.38
CA HIS A 162 16.79 3.05 -4.66
C HIS A 162 15.52 3.33 -5.44
N ALA A 163 14.44 3.57 -4.71
CA ALA A 163 13.21 4.11 -5.30
C ALA A 163 13.18 5.63 -5.03
N PRO A 164 12.54 6.39 -5.89
CA PRO A 164 12.43 7.83 -5.57
C PRO A 164 11.54 8.04 -4.34
N TYR A 165 10.60 7.11 -4.15
CA TYR A 165 9.85 7.04 -2.89
C TYR A 165 9.15 5.71 -2.76
N MET A 166 8.73 5.41 -1.54
CA MET A 166 7.91 4.23 -1.29
C MET A 166 6.59 4.66 -0.68
N ARG A 167 5.49 4.07 -1.15
CA ARG A 167 4.16 4.45 -0.67
C ARG A 167 3.82 3.65 0.60
N PRO A 168 3.44 4.37 1.65
CA PRO A 168 3.03 3.73 2.91
C PRO A 168 1.57 3.24 2.82
N VAL A 169 1.04 2.63 3.89
CA VAL A 169 -0.38 2.29 3.85
C VAL A 169 -1.10 3.35 4.66
N TYR A 170 -2.40 3.47 4.42
CA TYR A 170 -3.28 4.35 5.18
C TYR A 170 -3.79 3.58 6.42
N PRO A 171 -3.90 4.25 7.58
CA PRO A 171 -3.45 5.62 7.87
C PRO A 171 -1.93 5.68 7.93
N THR A 172 -1.39 6.79 7.46
CA THR A 172 0.07 6.95 7.40
C THR A 172 0.69 7.31 8.73
N LYS A 173 0.50 6.41 9.71
CA LYS A 173 1.11 6.50 11.02
C LYS A 173 1.97 5.27 11.30
N THR A 174 2.63 5.28 12.45
CA THR A 174 3.73 4.35 12.69
C THR A 174 3.32 2.89 12.84
N PHE A 175 2.44 2.62 13.78
CA PHE A 175 2.12 1.19 14.01
C PHE A 175 1.53 0.46 12.80
N PRO A 176 0.53 1.04 12.13
CA PRO A 176 -0.01 0.35 10.96
C PRO A 176 1.06 0.12 9.90
N ASN A 177 1.95 1.10 9.70
CA ASN A 177 3.01 0.90 8.72
C ASN A 177 4.16 -0.04 9.07
N LEU A 178 4.67 0.06 10.29
CA LEU A 178 5.68 -0.93 10.65
C LEU A 178 5.11 -2.32 10.57
N TYR A 179 3.88 -2.55 11.03
CA TYR A 179 3.43 -3.95 11.02
C TYR A 179 3.09 -4.42 9.60
N THR A 180 2.67 -3.49 8.74
CA THR A 180 2.52 -3.78 7.31
C THR A 180 3.88 -4.19 6.71
N LEU A 181 4.92 -3.40 7.00
CA LEU A 181 6.27 -3.75 6.50
C LEU A 181 6.59 -5.20 6.91
N ALA A 182 6.28 -5.54 8.16
CA ALA A 182 6.61 -6.88 8.68
C ALA A 182 5.76 -8.03 8.14
N THR A 183 4.57 -7.75 7.61
CA THR A 183 3.63 -8.81 7.29
C THR A 183 3.22 -8.90 5.82
N GLY A 184 3.45 -7.84 5.05
CA GLY A 184 2.91 -7.79 3.71
C GLY A 184 1.41 -7.58 3.66
N LEU A 185 0.79 -7.21 4.79
CA LEU A 185 -0.68 -7.11 4.82
C LEU A 185 -1.20 -5.69 4.92
N TYR A 186 -2.37 -5.45 4.36
CA TYR A 186 -3.10 -4.20 4.68
C TYR A 186 -3.46 -4.21 6.17
N PRO A 187 -3.51 -3.02 6.80
CA PRO A 187 -3.97 -2.93 8.21
C PRO A 187 -5.32 -3.61 8.46
N GLU A 188 -6.26 -3.56 7.51
CA GLU A 188 -7.60 -4.14 7.76
C GLU A 188 -7.45 -5.66 7.92
N SER A 189 -6.37 -6.20 7.36
CA SER A 189 -6.09 -7.62 7.48
C SER A 189 -5.19 -7.97 8.66
N HIS A 190 -4.09 -7.23 8.89
CA HIS A 190 -3.26 -7.55 10.04
C HIS A 190 -3.81 -7.11 11.40
N GLY A 191 -4.74 -6.16 11.36
CA GLY A 191 -5.47 -5.72 12.56
C GLY A 191 -5.00 -4.44 13.25
N ILE A 192 -3.79 -3.96 12.94
CA ILE A 192 -3.26 -2.76 13.59
C ILE A 192 -3.69 -1.60 12.70
N VAL A 193 -4.95 -1.20 12.87
CA VAL A 193 -5.60 -0.27 11.95
C VAL A 193 -5.36 1.19 12.36
N GLY A 194 -4.75 1.39 13.51
CA GLY A 194 -4.28 2.71 13.94
C GLY A 194 -3.25 2.59 15.06
N ASN A 195 -2.60 3.71 15.39
CA ASN A 195 -1.77 3.78 16.60
C ASN A 195 -2.63 3.60 17.85
N SER A 196 -3.89 3.99 17.74
CA SER A 196 -4.87 3.75 18.78
C SER A 196 -6.07 3.14 18.09
N MET A 197 -6.71 2.18 18.77
CA MET A 197 -7.94 1.60 18.25
C MET A 197 -8.78 0.95 19.37
N TYR A 198 -10.07 0.90 19.11
CA TYR A 198 -10.99 0.24 20.02
C TYR A 198 -11.50 -1.02 19.36
N ASP A 199 -11.41 -2.16 20.05
CA ASP A 199 -12.04 -3.36 19.54
C ASP A 199 -13.36 -3.66 20.28
N PRO A 200 -14.49 -3.61 19.57
CA PRO A 200 -15.79 -3.69 20.27
C PRO A 200 -16.08 -5.09 20.81
N VAL A 201 -15.42 -6.11 20.28
CA VAL A 201 -15.56 -7.48 20.81
C VAL A 201 -14.67 -7.69 22.03
N PHE A 202 -13.43 -7.20 22.02
CA PHE A 202 -12.60 -7.21 23.21
C PHE A 202 -13.17 -6.23 24.25
N ASP A 203 -13.91 -5.22 23.77
CA ASP A 203 -14.22 -4.04 24.58
C ASP A 203 -12.94 -3.57 25.25
N ALA A 204 -11.92 -3.29 24.44
CA ALA A 204 -10.65 -2.89 25.01
C ALA A 204 -10.02 -1.93 24.04
N THR A 205 -9.08 -1.13 24.55
CA THR A 205 -8.47 -0.09 23.75
C THR A 205 -6.97 -0.24 23.70
N PHE A 206 -6.43 -0.16 22.49
CA PHE A 206 -5.00 -0.31 22.19
C PHE A 206 -4.41 1.06 21.97
N HIS A 207 -3.26 1.33 22.59
CA HIS A 207 -2.49 2.57 22.36
C HIS A 207 -0.99 2.31 22.13
N LEU A 208 -0.37 3.18 21.32
CA LEU A 208 1.04 3.02 20.98
C LEU A 208 1.87 3.04 22.26
N ARG A 209 1.44 3.85 23.22
CA ARG A 209 2.08 3.89 24.53
C ARG A 209 1.18 3.17 25.53
N GLY A 210 1.77 2.36 26.41
CA GLY A 210 0.97 1.58 27.34
C GLY A 210 1.13 0.08 27.15
N ARG A 211 0.52 -0.72 28.03
CA ARG A 211 0.81 -2.16 28.05
C ARG A 211 -0.16 -3.05 27.27
N GLU A 212 -1.38 -2.56 27.01
CA GLU A 212 -2.37 -3.35 26.28
C GLU A 212 -1.83 -3.86 24.92
N LYS A 213 -1.03 -3.03 24.25
CA LYS A 213 -0.46 -3.41 22.94
C LYS A 213 0.42 -4.64 23.01
N PHE A 214 0.94 -4.98 24.20
CA PHE A 214 1.76 -6.19 24.32
C PHE A 214 0.94 -7.49 24.24
N ASN A 215 -0.36 -7.41 24.49
CA ASN A 215 -1.25 -8.57 24.31
C ASN A 215 -1.29 -9.04 22.85
N HIS A 216 -1.02 -10.33 22.61
CA HIS A 216 -0.92 -10.85 21.24
C HIS A 216 -2.25 -10.88 20.47
N ARG A 217 -3.37 -10.80 21.17
CA ARG A 217 -4.65 -10.88 20.50
C ARG A 217 -4.84 -9.77 19.46
N TRP A 218 -4.08 -8.67 19.57
CA TRP A 218 -4.27 -7.58 18.59
C TRP A 218 -3.64 -7.84 17.24
N TRP A 219 -2.62 -8.70 17.23
CA TRP A 219 -1.67 -8.76 16.11
C TRP A 219 -1.93 -9.95 15.21
N GLY A 220 -2.41 -9.68 13.98
CA GLY A 220 -2.72 -10.75 13.03
C GLY A 220 -1.63 -10.99 12.00
N GLY A 221 -1.94 -11.83 11.01
CA GLY A 221 -0.98 -12.19 9.99
C GLY A 221 0.20 -12.95 10.57
N GLN A 222 1.29 -12.95 9.84
CA GLN A 222 2.50 -13.63 10.30
C GLN A 222 3.71 -12.75 9.97
N PRO A 223 4.22 -12.05 10.97
CA PRO A 223 5.31 -11.10 10.73
C PRO A 223 6.61 -11.84 10.38
N LEU A 224 7.54 -11.13 9.74
CA LEU A 224 8.74 -11.76 9.20
C LEU A 224 9.51 -12.60 10.24
N TRP A 225 9.59 -12.14 11.48
CA TRP A 225 10.40 -12.89 12.46
C TRP A 225 9.80 -14.27 12.77
N ILE A 226 8.47 -14.36 12.73
CA ILE A 226 7.79 -15.62 12.93
C ILE A 226 7.90 -16.52 11.69
N THR A 227 7.77 -15.93 10.51
CA THR A 227 7.99 -16.67 9.28
C THR A 227 9.41 -17.25 9.24
N ALA A 228 10.39 -16.44 9.61
CA ALA A 228 11.77 -16.88 9.67
C ALA A 228 11.87 -18.05 10.64
N THR A 229 11.41 -17.82 11.86
CA THR A 229 11.54 -18.82 12.92
C THR A 229 10.87 -20.15 12.56
N LYS A 230 9.66 -20.10 12.03
CA LYS A 230 8.94 -21.32 11.69
C LYS A 230 9.64 -22.09 10.56
N GLN A 231 10.44 -21.41 9.76
CA GLN A 231 11.22 -22.05 8.70
C GLN A 231 12.71 -22.28 9.04
N GLY A 232 13.02 -22.25 10.32
CA GLY A 232 14.36 -22.55 10.81
C GLY A 232 15.39 -21.48 10.46
N VAL A 233 14.95 -20.23 10.28
CA VAL A 233 15.91 -19.14 10.13
C VAL A 233 15.86 -18.26 11.37
N ARG A 234 17.03 -17.98 11.96
CA ARG A 234 17.03 -17.28 13.22
C ARG A 234 16.94 -15.75 13.05
N ALA A 235 16.11 -15.12 13.86
CA ALA A 235 15.93 -13.67 13.79
C ALA A 235 16.49 -12.97 15.03
N GLY A 236 17.08 -11.78 14.85
CA GLY A 236 17.40 -10.90 15.97
C GLY A 236 16.11 -10.20 16.41
N THR A 237 16.18 -9.28 17.37
CA THR A 237 14.98 -8.55 17.85
C THR A 237 14.35 -7.61 16.82
N PHE A 238 13.02 -7.58 16.76
CA PHE A 238 12.35 -6.56 15.97
C PHE A 238 11.63 -5.59 16.90
N PHE A 239 12.14 -5.49 18.12
CA PHE A 239 11.64 -4.53 19.08
C PHE A 239 12.79 -3.99 19.92
N TRP A 240 12.83 -2.67 20.13
CA TRP A 240 13.85 -2.11 21.01
C TRP A 240 13.15 -1.23 22.03
N SER A 241 13.48 -1.44 23.31
CA SER A 241 12.98 -0.57 24.39
C SER A 241 13.45 0.84 24.14
N VAL A 242 12.55 1.80 24.32
CA VAL A 242 12.85 3.20 24.02
C VAL A 242 14.06 3.72 24.78
N SER A 243 14.34 3.11 25.93
CA SER A 243 15.41 3.58 26.81
C SER A 243 16.81 3.16 26.36
N ILE A 244 16.90 2.26 25.39
CA ILE A 244 18.20 1.81 24.91
C ILE A 244 18.70 2.74 23.81
N PRO A 245 19.85 3.40 24.04
CA PRO A 245 20.35 4.34 23.03
C PRO A 245 20.66 3.69 21.70
N HIS A 246 20.58 4.46 20.62
CA HIS A 246 20.85 3.90 19.29
C HIS A 246 22.23 3.25 19.18
N GLU A 247 23.22 3.86 19.82
CA GLU A 247 24.58 3.30 19.76
C GLU A 247 24.64 1.88 20.35
N ARG A 248 23.85 1.64 21.40
CA ARG A 248 23.80 0.32 22.03
C ARG A 248 23.05 -0.66 21.13
N ARG A 249 22.00 -0.18 20.47
CA ARG A 249 21.30 -1.02 19.49
C ARG A 249 22.23 -1.47 18.38
N ILE A 250 23.04 -0.55 17.88
CA ILE A 250 24.01 -0.89 16.84
C ILE A 250 25.08 -1.87 17.35
N LEU A 251 25.66 -1.58 18.51
CA LEU A 251 26.68 -2.48 19.10
C LEU A 251 26.13 -3.90 19.33
N THR A 252 24.87 -3.97 19.74
CA THR A 252 24.22 -5.26 19.97
C THR A 252 24.10 -6.06 18.69
N ILE A 253 23.64 -5.42 17.61
CA ILE A 253 23.52 -6.10 16.34
C ILE A 253 24.89 -6.62 15.91
N LEU A 254 25.90 -5.78 16.05
CA LEU A 254 27.24 -6.19 15.64
C LEU A 254 27.77 -7.36 16.48
N GLN A 255 27.48 -7.33 17.78
CA GLN A 255 27.81 -8.43 18.69
C GLN A 255 27.09 -9.71 18.27
N TRP A 256 25.80 -9.63 17.98
CA TRP A 256 25.10 -10.81 17.49
C TRP A 256 25.73 -11.36 16.19
N LEU A 257 26.20 -10.48 15.31
CA LEU A 257 26.82 -10.92 14.06
C LEU A 257 28.17 -11.60 14.30
N SER A 258 28.76 -11.36 15.48
CA SER A 258 30.03 -11.97 15.84
C SER A 258 29.86 -13.30 16.55
N LEU A 259 28.62 -13.74 16.73
CA LEU A 259 28.36 -14.97 17.46
C LEU A 259 28.82 -16.21 16.71
N PRO A 260 28.97 -17.33 17.42
CA PRO A 260 29.29 -18.64 16.81
C PRO A 260 28.27 -18.98 15.73
N ASP A 261 28.74 -19.63 14.67
CA ASP A 261 27.88 -20.04 13.55
C ASP A 261 26.55 -20.65 13.98
N ASN A 262 26.54 -21.35 15.11
CA ASN A 262 25.32 -22.06 15.53
C ASN A 262 24.39 -21.19 16.37
N GLU A 263 24.80 -19.95 16.64
CA GLU A 263 23.93 -19.01 17.35
C GLU A 263 23.51 -17.82 16.48
N ARG A 264 24.29 -17.52 15.46
CA ARG A 264 24.17 -16.21 14.77
C ARG A 264 22.83 -16.02 14.02
N PRO A 265 22.11 -14.91 14.28
CA PRO A 265 20.88 -14.72 13.50
C PRO A 265 21.15 -14.36 12.04
N SER A 266 20.14 -14.57 11.19
CA SER A 266 20.26 -14.23 9.77
C SER A 266 19.57 -12.91 9.42
N VAL A 267 18.62 -12.50 10.24
CA VAL A 267 17.92 -11.22 9.99
C VAL A 267 17.93 -10.36 11.24
N TYR A 268 18.13 -9.05 11.03
CA TYR A 268 18.30 -8.08 12.09
C TYR A 268 17.46 -6.87 11.74
N ALA A 269 16.99 -6.19 12.78
CA ALA A 269 16.25 -4.94 12.60
C ALA A 269 16.78 -3.88 13.55
N PHE A 270 16.96 -2.67 13.01
CA PHE A 270 17.28 -1.52 13.79
C PHE A 270 16.12 -0.55 13.56
N TYR A 271 15.73 0.18 14.61
CA TYR A 271 14.68 1.18 14.52
C TYR A 271 15.15 2.51 15.14
N SER A 272 14.90 3.60 14.44
CA SER A 272 15.09 4.93 14.98
C SER A 272 13.79 5.72 14.99
N GLU A 273 13.52 6.40 16.10
CA GLU A 273 12.31 7.20 16.25
C GLU A 273 12.47 8.57 15.61
N GLN A 274 13.68 8.87 15.17
CA GLN A 274 13.95 10.04 14.34
C GLN A 274 13.94 9.66 12.84
N PRO A 275 13.64 10.62 11.94
CA PRO A 275 13.44 12.03 12.20
C PRO A 275 12.01 12.44 12.53
N ASP A 276 11.16 11.47 12.88
CA ASP A 276 9.77 11.75 13.20
C ASP A 276 9.63 12.74 14.34
N PHE A 277 10.32 12.52 15.46
CA PHE A 277 10.18 13.43 16.59
C PHE A 277 10.45 14.87 16.21
N SER A 278 11.58 15.12 15.55
CA SER A 278 11.92 16.49 15.18
C SER A 278 11.00 17.02 14.08
N GLY A 279 10.53 16.14 13.19
CA GLY A 279 9.52 16.53 12.22
C GLY A 279 8.26 17.09 12.89
N HIS A 280 7.73 16.41 13.89
CA HIS A 280 6.60 16.95 14.66
C HIS A 280 6.86 18.32 15.28
N LYS A 281 8.01 18.48 15.91
CA LYS A 281 8.34 19.73 16.59
C LYS A 281 8.54 20.90 15.64
N TYR A 282 9.26 20.68 14.54
CA TYR A 282 9.72 21.79 13.70
C TYR A 282 9.12 21.83 12.31
N GLY A 283 8.41 20.77 11.93
CA GLY A 283 7.86 20.68 10.59
C GLY A 283 8.93 20.14 9.65
N PRO A 284 8.51 19.63 8.48
CA PRO A 284 9.45 18.94 7.58
C PRO A 284 10.47 19.85 6.89
N PHE A 285 10.17 21.14 6.72
CA PHE A 285 11.07 22.01 5.99
C PHE A 285 11.88 22.90 6.92
N GLY A 286 11.80 22.60 8.22
CA GLY A 286 12.49 23.39 9.24
C GLY A 286 13.99 23.31 9.13
N PRO A 287 14.70 24.42 9.45
CA PRO A 287 16.16 24.30 9.47
C PRO A 287 16.56 23.33 10.56
N GLU A 288 15.69 23.15 11.54
CA GLU A 288 16.04 22.33 12.66
C GLU A 288 16.10 20.84 12.30
N MET A 289 15.73 20.49 11.07
CA MET A 289 15.70 19.07 10.64
C MET A 289 17.08 18.57 10.26
N THR A 290 18.00 19.49 9.97
CA THR A 290 19.33 19.07 9.55
C THR A 290 20.01 18.20 10.60
N ASN A 291 19.97 18.65 11.86
CA ASN A 291 20.69 17.96 12.92
C ASN A 291 20.22 16.52 13.14
N PRO A 292 18.89 16.30 13.21
CA PRO A 292 18.46 14.90 13.40
C PRO A 292 18.86 14.02 12.23
N LEU A 293 18.85 14.57 11.02
CA LEU A 293 19.23 13.81 9.86
C LEU A 293 20.73 13.49 9.88
N ARG A 294 21.53 14.43 10.37
CA ARG A 294 22.96 14.14 10.54
C ARG A 294 23.17 12.99 11.54
N GLU A 295 22.41 13.02 12.62
CA GLU A 295 22.54 12.01 13.69
C GLU A 295 22.19 10.62 13.19
N ILE A 296 21.10 10.52 12.43
CA ILE A 296 20.76 9.23 11.82
C ILE A 296 21.88 8.75 10.90
N ASP A 297 22.43 9.68 10.13
CA ASP A 297 23.50 9.32 9.22
C ASP A 297 24.72 8.82 9.99
N LYS A 298 25.02 9.45 11.11
CA LYS A 298 26.14 9.00 11.95
C LYS A 298 25.91 7.57 12.43
N THR A 299 24.67 7.27 12.80
CA THR A 299 24.29 5.91 13.18
C THR A 299 24.47 4.91 12.02
N VAL A 300 24.03 5.26 10.82
CA VAL A 300 24.27 4.40 9.67
C VAL A 300 25.78 4.18 9.48
N GLY A 301 26.57 5.22 9.76
CA GLY A 301 28.02 5.14 9.62
C GLY A 301 28.63 4.18 10.64
N GLN A 302 28.13 4.27 11.86
CA GLN A 302 28.56 3.34 12.90
C GLN A 302 28.30 1.92 12.45
N LEU A 303 27.12 1.68 11.91
CA LEU A 303 26.79 0.31 11.46
C LEU A 303 27.72 -0.13 10.34
N MET A 304 27.92 0.74 9.35
CA MET A 304 28.72 0.34 8.19
C MET A 304 30.22 0.17 8.56
N ASP A 305 30.74 1.09 9.38
CA ASP A 305 32.10 0.97 9.93
C ASP A 305 32.24 -0.34 10.71
N GLY A 306 31.21 -0.64 11.51
CA GLY A 306 31.18 -1.86 12.29
C GLY A 306 31.19 -3.09 11.41
N LEU A 307 30.42 -3.05 10.34
CA LEU A 307 30.35 -4.19 9.42
C LEU A 307 31.68 -4.39 8.69
N LYS A 308 32.29 -3.29 8.30
CA LYS A 308 33.61 -3.31 7.67
C LYS A 308 34.63 -3.91 8.65
N GLN A 309 34.59 -3.50 9.91
CA GLN A 309 35.44 -4.10 10.94
C GLN A 309 35.29 -5.62 11.03
N LEU A 310 34.08 -6.12 10.79
CA LEU A 310 33.78 -7.55 10.85
C LEU A 310 33.97 -8.23 9.52
N LYS A 311 34.46 -7.48 8.54
CA LYS A 311 34.63 -7.99 7.18
C LYS A 311 33.29 -8.43 6.57
N LEU A 312 32.23 -7.68 6.90
CA LEU A 312 30.88 -8.03 6.48
C LEU A 312 30.28 -7.01 5.52
N HIS A 313 31.03 -5.96 5.17
CA HIS A 313 30.42 -4.83 4.45
C HIS A 313 30.07 -5.15 3.02
N ARG A 314 30.56 -6.28 2.50
CA ARG A 314 30.21 -6.72 1.15
C ARG A 314 29.56 -8.10 1.23
N CYS A 315 28.98 -8.35 2.40
CA CYS A 315 28.36 -9.63 2.70
C CYS A 315 26.85 -9.43 3.00
N VAL A 316 26.55 -8.42 3.82
CA VAL A 316 25.17 -8.21 4.32
C VAL A 316 24.29 -7.47 3.30
N ASN A 317 23.01 -7.77 3.29
CA ASN A 317 22.06 -6.93 2.56
C ASN A 317 21.44 -5.96 3.56
N VAL A 318 21.46 -4.67 3.23
CA VAL A 318 20.93 -3.65 4.12
C VAL A 318 19.70 -3.03 3.45
N ILE A 319 18.59 -2.94 4.18
CA ILE A 319 17.45 -2.20 3.67
C ILE A 319 17.32 -0.96 4.56
N PHE A 320 17.28 0.22 3.93
CA PHE A 320 17.05 1.46 4.65
C PHE A 320 15.64 1.90 4.26
N VAL A 321 14.73 1.97 5.24
CA VAL A 321 13.33 2.11 4.85
C VAL A 321 12.57 2.91 5.91
N GLY A 322 11.67 3.78 5.47
CA GLY A 322 10.85 4.55 6.40
C GLY A 322 9.43 4.00 6.52
N ASP A 323 8.71 4.50 7.52
CA ASP A 323 7.33 4.09 7.72
C ASP A 323 6.32 5.03 7.07
N HIS A 324 6.66 6.32 7.02
CA HIS A 324 5.78 7.32 6.40
C HIS A 324 6.56 8.62 6.37
N GLY A 325 5.99 9.61 5.70
CA GLY A 325 6.55 10.93 5.62
C GLY A 325 6.08 11.90 6.69
N MET A 326 6.08 13.19 6.34
CA MET A 326 5.81 14.25 7.30
C MET A 326 5.31 15.47 6.56
N GLU A 327 4.28 16.10 7.12
CA GLU A 327 3.64 17.26 6.47
C GLU A 327 3.68 18.46 7.39
N ASP A 328 3.55 19.65 6.78
CA ASP A 328 3.41 20.88 7.54
C ASP A 328 2.00 20.95 8.12
N VAL A 329 1.88 20.87 9.45
CA VAL A 329 0.58 20.89 10.15
C VAL A 329 0.75 21.70 11.44
N THR A 330 0.00 22.80 11.57
CA THR A 330 0.09 23.67 12.75
C THR A 330 -1.26 23.85 13.45
N CYS A 331 -1.21 24.37 14.67
CA CYS A 331 -2.40 24.59 15.49
C CYS A 331 -3.44 25.44 14.75
N ASP A 332 -2.96 26.39 13.96
CA ASP A 332 -3.89 27.30 13.27
C ASP A 332 -4.72 26.64 12.20
N ARG A 333 -4.38 25.41 11.81
CA ARG A 333 -5.15 24.71 10.79
C ARG A 333 -5.87 23.50 11.39
N THR A 334 -6.80 23.78 12.28
CA THR A 334 -7.62 22.74 12.88
C THR A 334 -9.12 22.98 12.68
N GLU A 335 -9.79 22.00 12.06
CA GLU A 335 -11.26 22.01 12.01
C GLU A 335 -11.81 21.45 13.32
N PHE A 336 -12.89 22.04 13.84
CA PHE A 336 -13.53 21.49 15.04
C PHE A 336 -14.91 20.92 14.72
N LEU A 337 -15.18 19.70 15.18
CA LEU A 337 -16.49 19.11 14.95
C LEU A 337 -17.62 19.90 15.64
N SER A 338 -17.29 20.51 16.77
CA SER A 338 -18.26 21.35 17.49
C SER A 338 -18.85 22.46 16.61
N ASN A 339 -18.13 22.85 15.57
CA ASN A 339 -18.68 23.79 14.59
C ASN A 339 -19.76 23.24 13.67
N TYR A 340 -19.94 21.91 13.65
CA TYR A 340 -20.82 21.24 12.72
C TYR A 340 -21.91 20.48 13.47
N LEU A 341 -21.59 20.09 14.69
CA LEU A 341 -22.45 19.17 15.44
C LEU A 341 -22.80 19.77 16.78
N THR A 342 -24.02 19.49 17.25
CA THR A 342 -24.53 20.14 18.44
C THR A 342 -23.98 19.58 19.76
N ASN A 343 -23.79 18.26 19.82
CA ASN A 343 -23.35 17.63 21.06
C ASN A 343 -22.15 16.72 20.88
N VAL A 344 -20.96 17.29 20.77
CA VAL A 344 -19.76 16.49 20.51
C VAL A 344 -19.26 15.80 21.77
N ASP A 345 -19.84 16.09 22.92
CA ASP A 345 -19.39 15.42 24.14
C ASP A 345 -19.91 13.99 24.20
N ASP A 346 -20.83 13.65 23.30
CA ASP A 346 -21.40 12.31 23.26
C ASP A 346 -20.69 11.39 22.25
N ILE A 347 -19.68 11.91 21.56
CA ILE A 347 -18.93 11.06 20.60
C ILE A 347 -17.48 11.01 21.03
N THR A 348 -16.81 9.92 20.67
CA THR A 348 -15.37 9.82 20.80
C THR A 348 -14.78 9.94 19.40
N LEU A 349 -13.76 10.78 19.27
CA LEU A 349 -13.08 10.96 17.99
C LEU A 349 -11.62 10.56 18.09
N VAL A 350 -11.21 9.62 17.22
CA VAL A 350 -9.81 9.45 16.95
C VAL A 350 -9.42 10.61 16.03
N PRO A 351 -8.59 11.52 16.52
CA PRO A 351 -8.50 12.81 15.83
C PRO A 351 -7.19 13.00 15.09
N GLY A 352 -7.05 14.20 14.55
CA GLY A 352 -5.79 14.64 13.94
C GLY A 352 -5.83 14.65 12.43
N THR A 353 -4.93 13.88 11.83
CA THR A 353 -4.77 13.88 10.39
C THR A 353 -5.69 12.83 9.75
N LEU A 354 -6.54 12.26 10.59
CA LEU A 354 -7.62 11.38 10.13
C LEU A 354 -8.70 11.49 11.22
N GLY A 355 -9.93 11.06 10.90
CA GLY A 355 -10.94 11.00 11.94
C GLY A 355 -11.66 9.66 11.94
N ARG A 356 -11.88 9.08 13.11
CA ARG A 356 -12.78 7.92 13.21
C ARG A 356 -13.75 8.26 14.34
N ILE A 357 -15.04 8.09 14.12
CA ILE A 357 -16.04 8.51 15.11
C ILE A 357 -16.87 7.30 15.59
N ARG A 358 -17.12 7.25 16.89
CA ARG A 358 -17.99 6.25 17.52
C ARG A 358 -18.63 6.94 18.72
N PRO A 359 -19.73 6.39 19.21
CA PRO A 359 -20.29 6.99 20.42
C PRO A 359 -19.36 6.86 21.62
N LYS A 360 -19.39 7.86 22.49
CA LYS A 360 -18.53 7.86 23.68
C LYS A 360 -18.84 6.65 24.55
N ILE A 361 -20.13 6.37 24.69
CA ILE A 361 -20.57 5.15 25.37
C ILE A 361 -20.75 4.09 24.31
N PRO A 362 -20.01 2.99 24.40
CA PRO A 362 -20.10 1.96 23.35
C PRO A 362 -21.51 1.48 23.20
N ASN A 363 -21.93 1.33 21.95
CA ASN A 363 -23.26 0.82 21.63
C ASN A 363 -24.39 1.78 22.04
N ASN A 364 -24.04 3.03 22.33
CA ASN A 364 -25.05 4.03 22.70
C ASN A 364 -26.15 4.11 21.66
N LEU A 365 -27.36 3.77 22.07
CA LEU A 365 -28.48 3.62 21.15
C LEU A 365 -28.93 4.94 20.53
N LYS A 366 -28.58 6.06 21.16
CA LYS A 366 -29.00 7.35 20.62
C LYS A 366 -28.03 7.88 19.55
N TYR A 367 -26.90 7.21 19.41
CA TYR A 367 -25.96 7.55 18.34
C TYR A 367 -26.71 7.61 17.00
N ASP A 368 -26.63 8.74 16.30
CA ASP A 368 -27.31 8.95 15.03
C ASP A 368 -26.33 9.21 13.87
N PRO A 369 -25.71 8.16 13.32
CA PRO A 369 -24.70 8.37 12.27
C PRO A 369 -25.17 9.06 10.99
N LYS A 370 -26.40 8.81 10.51
CA LYS A 370 -26.86 9.50 9.31
C LYS A 370 -27.02 11.02 9.54
N ALA A 371 -27.47 11.39 10.72
CA ALA A 371 -27.61 12.81 11.06
C ALA A 371 -26.24 13.46 11.18
N ILE A 372 -25.31 12.75 11.80
CA ILE A 372 -23.95 13.26 11.95
C ILE A 372 -23.32 13.47 10.59
N ILE A 373 -23.36 12.45 9.74
CA ILE A 373 -22.83 12.58 8.40
C ILE A 373 -23.46 13.74 7.63
N ALA A 374 -24.78 13.90 7.74
CA ALA A 374 -25.44 14.97 6.99
C ALA A 374 -24.87 16.35 7.41
N ASN A 375 -24.70 16.54 8.71
CA ASN A 375 -24.13 17.79 9.26
C ASN A 375 -22.64 18.02 8.91
N LEU A 376 -21.97 16.95 8.45
CA LEU A 376 -20.54 17.04 8.12
C LEU A 376 -20.29 17.13 6.60
N THR A 377 -21.36 17.11 5.81
CA THR A 377 -21.22 17.03 4.37
C THR A 377 -21.33 18.36 3.66
N CYS A 378 -20.21 18.83 3.12
CA CYS A 378 -20.20 20.04 2.30
C CYS A 378 -20.89 21.20 2.99
N LYS A 379 -20.51 21.45 4.24
CA LYS A 379 -21.13 22.50 5.04
C LYS A 379 -20.33 23.80 5.10
N LYS A 380 -19.05 23.77 4.71
CA LYS A 380 -18.24 24.98 4.55
C LYS A 380 -17.65 24.93 3.16
N PRO A 381 -17.52 26.09 2.50
CA PRO A 381 -16.93 26.12 1.16
C PRO A 381 -15.49 25.60 1.13
N ASP A 382 -14.76 25.87 2.20
CA ASP A 382 -13.35 25.50 2.20
C ASP A 382 -13.10 24.27 3.08
N GLN A 383 -14.13 23.48 3.33
CA GLN A 383 -14.09 22.44 4.34
C GLN A 383 -12.86 21.54 4.20
N HIS A 384 -12.13 21.36 5.29
CA HIS A 384 -10.83 20.72 5.22
C HIS A 384 -10.83 19.25 5.64
N PHE A 385 -12.00 18.62 5.53
CA PHE A 385 -12.08 17.15 5.65
C PHE A 385 -13.33 16.71 4.93
N LYS A 386 -13.48 15.42 4.71
CA LYS A 386 -14.69 14.90 4.08
C LYS A 386 -15.12 13.62 4.78
N PRO A 387 -16.41 13.55 5.19
CA PRO A 387 -16.84 12.34 5.89
C PRO A 387 -17.17 11.25 4.90
N TYR A 388 -16.91 10.02 5.31
CA TYR A 388 -17.21 8.85 4.53
C TYR A 388 -17.71 7.76 5.47
N MET A 389 -18.77 7.06 5.08
CA MET A 389 -18.94 5.73 5.65
C MET A 389 -17.81 4.88 5.07
N LYS A 390 -17.25 3.98 5.86
CA LYS A 390 -16.00 3.35 5.43
C LYS A 390 -16.12 2.59 4.12
N GLN A 391 -17.30 2.04 3.82
CA GLN A 391 -17.47 1.33 2.55
C GLN A 391 -17.35 2.25 1.35
N HIS A 392 -17.46 3.55 1.59
CA HIS A 392 -17.36 4.50 0.51
C HIS A 392 -15.97 5.08 0.32
N LEU A 393 -15.04 4.77 1.22
CA LEU A 393 -13.66 5.24 1.03
C LEU A 393 -13.10 4.67 -0.26
N PRO A 394 -12.22 5.41 -0.94
CA PRO A 394 -11.54 4.85 -2.12
C PRO A 394 -11.04 3.44 -1.84
N LYS A 395 -11.30 2.56 -2.79
CA LYS A 395 -10.93 1.17 -2.65
C LYS A 395 -9.42 0.98 -2.55
N ARG A 396 -8.65 1.87 -3.19
CA ARG A 396 -7.20 1.79 -3.09
C ARG A 396 -6.68 1.84 -1.64
N LEU A 397 -7.45 2.44 -0.73
CA LEU A 397 -7.01 2.53 0.66
C LEU A 397 -7.14 1.21 1.40
N HIS A 398 -8.01 0.33 0.88
CA HIS A 398 -8.24 -0.98 1.50
C HIS A 398 -8.49 -0.85 2.99
N TYR A 399 -9.35 0.10 3.38
CA TYR A 399 -9.47 0.41 4.79
C TYR A 399 -10.91 0.28 5.30
N ALA A 400 -11.44 -0.93 5.39
CA ALA A 400 -12.85 -1.06 5.78
C ALA A 400 -13.16 -2.38 6.43
N ASN A 401 -12.50 -3.45 5.96
CA ASN A 401 -12.85 -4.81 6.42
C ASN A 401 -12.25 -5.22 7.77
N ASN A 402 -12.61 -4.51 8.83
CA ASN A 402 -12.15 -4.84 10.14
C ASN A 402 -13.07 -4.20 11.15
N ARG A 403 -13.41 -4.94 12.21
CA ARG A 403 -14.36 -4.44 13.21
C ARG A 403 -13.78 -3.27 14.04
N ARG A 404 -12.46 -3.07 13.97
CA ARG A 404 -11.79 -2.00 14.70
C ARG A 404 -11.82 -0.70 13.91
N ILE A 405 -12.26 -0.74 12.65
CA ILE A 405 -12.42 0.49 11.86
C ILE A 405 -13.85 0.99 12.01
N GLU A 406 -13.99 2.14 12.67
CA GLU A 406 -15.32 2.74 12.84
C GLU A 406 -16.05 2.93 11.50
N ASP A 407 -17.37 2.75 11.50
CA ASP A 407 -18.17 2.98 10.30
C ASP A 407 -17.94 4.36 9.75
N LEU A 408 -17.90 5.36 10.63
CA LEU A 408 -17.77 6.77 10.22
C LEU A 408 -16.31 7.20 10.21
N HIS A 409 -15.84 7.66 9.05
CA HIS A 409 -14.45 8.06 8.89
C HIS A 409 -14.38 9.49 8.36
N LEU A 410 -13.34 10.24 8.74
CA LEU A 410 -13.12 11.52 8.10
C LEU A 410 -11.78 11.47 7.40
N LEU A 411 -11.79 11.69 6.08
CA LEU A 411 -10.56 11.86 5.33
C LEU A 411 -10.17 13.33 5.43
N VAL A 412 -8.99 13.60 5.99
CA VAL A 412 -8.65 15.00 6.29
C VAL A 412 -7.73 15.57 5.21
N GLU A 413 -7.91 16.86 4.87
CA GLU A 413 -7.08 17.47 3.84
C GLU A 413 -5.64 17.60 4.35
N ARG A 414 -4.65 17.37 3.49
CA ARG A 414 -3.26 17.54 3.92
C ARG A 414 -3.05 18.95 4.48
N ARG A 415 -2.16 19.02 5.49
CA ARG A 415 -1.83 20.26 6.23
C ARG A 415 -2.84 20.63 7.29
N TRP A 416 -3.91 19.83 7.43
CA TRP A 416 -4.93 20.10 8.44
C TRP A 416 -5.08 19.05 9.52
N HIS A 417 -5.69 19.47 10.63
CA HIS A 417 -6.14 18.58 11.67
C HIS A 417 -7.66 18.69 11.82
N VAL A 418 -8.27 17.62 12.32
CA VAL A 418 -9.66 17.64 12.78
CA VAL A 418 -9.66 17.67 12.81
C VAL A 418 -9.68 17.31 14.28
N ALA A 419 -10.38 18.13 15.06
CA ALA A 419 -10.48 17.88 16.49
C ALA A 419 -11.95 17.95 16.91
N ARG A 420 -12.25 17.41 18.07
CA ARG A 420 -13.65 17.35 18.49
C ARG A 420 -14.15 18.75 18.85
N LYS A 421 -13.32 19.51 19.56
CA LYS A 421 -13.72 20.86 20.01
C LYS A 421 -12.52 21.67 20.51
N PRO A 422 -12.64 23.01 20.47
CA PRO A 422 -11.51 23.88 20.81
C PRO A 422 -10.97 23.56 22.19
N LEU A 423 -11.84 23.16 23.11
CA LEU A 423 -11.41 22.79 24.46
C LEU A 423 -10.28 21.75 24.45
N CYS A 433 2.25 26.93 17.96
CA CYS A 433 2.05 25.93 19.00
C CYS A 433 3.29 25.04 19.13
N PHE A 434 3.19 23.97 19.89
CA PHE A 434 4.34 23.10 20.08
C PHE A 434 4.57 22.05 18.99
N PHE A 435 3.71 22.03 17.97
CA PHE A 435 3.97 21.14 16.83
C PHE A 435 3.80 21.89 15.52
N GLN A 436 4.59 21.52 14.53
CA GLN A 436 4.51 22.12 13.21
C GLN A 436 4.50 21.05 12.13
N GLY A 437 4.55 19.79 12.55
CA GLY A 437 4.52 18.70 11.61
C GLY A 437 3.59 17.57 12.07
N ASP A 438 2.94 16.91 11.12
CA ASP A 438 2.22 15.67 11.41
C ASP A 438 2.06 14.82 10.13
N HIS A 439 1.47 13.63 10.29
CA HIS A 439 1.29 12.71 9.19
C HIS A 439 0.12 11.81 9.59
N GLY A 440 -0.38 11.04 8.64
CA GLY A 440 -1.55 10.20 8.86
C GLY A 440 -2.52 10.25 7.67
N PHE A 441 -2.32 11.23 6.82
CA PHE A 441 -3.19 11.49 5.66
C PHE A 441 -3.19 10.37 4.64
N ASP A 442 -4.20 10.42 3.77
CA ASP A 442 -4.30 9.63 2.54
C ASP A 442 -2.90 9.26 2.03
N ASN A 443 -2.66 7.97 1.84
CA ASN A 443 -1.32 7.51 1.48
C ASN A 443 -0.83 7.82 0.06
N LYS A 444 -1.63 8.49 -0.75
CA LYS A 444 -1.12 8.97 -2.03
C LYS A 444 -0.59 10.41 -1.98
N VAL A 445 -0.78 11.07 -0.85
CA VAL A 445 -0.33 12.46 -0.66
C VAL A 445 1.20 12.51 -0.70
N ASN A 446 1.76 13.37 -1.55
CA ASN A 446 3.22 13.45 -1.67
C ASN A 446 4.00 13.54 -0.39
N SER A 447 3.57 14.40 0.54
CA SER A 447 4.28 14.57 1.79
C SER A 447 4.31 13.29 2.64
N MET A 448 3.42 12.33 2.36
CA MET A 448 3.39 11.10 3.16
C MET A 448 4.31 10.02 2.63
N GLN A 449 4.86 10.21 1.43
CA GLN A 449 5.75 9.17 0.87
C GLN A 449 7.02 9.04 1.67
N THR A 450 7.61 7.86 1.65
CA THR A 450 8.77 7.61 2.49
C THR A 450 9.88 6.99 1.66
N VAL A 451 10.91 6.46 2.31
CA VAL A 451 12.15 6.07 1.64
CA VAL A 451 12.12 6.06 1.60
C VAL A 451 12.30 4.56 1.49
N PHE A 452 12.99 4.13 0.44
CA PHE A 452 13.46 2.75 0.30
C PHE A 452 14.83 2.75 -0.41
N VAL A 453 15.81 2.13 0.22
CA VAL A 453 17.09 1.83 -0.42
C VAL A 453 17.50 0.41 -0.07
N GLY A 454 17.97 -0.33 -1.07
CA GLY A 454 18.50 -1.68 -0.83
C GLY A 454 19.96 -1.68 -1.27
N TYR A 455 20.82 -2.19 -0.41
CA TYR A 455 22.25 -2.22 -0.70
C TYR A 455 22.84 -3.55 -0.30
N GLY A 456 23.59 -4.16 -1.21
CA GLY A 456 24.31 -5.38 -0.88
C GLY A 456 24.34 -6.32 -2.06
N PRO A 457 24.89 -7.50 -1.85
CA PRO A 457 25.11 -8.41 -2.98
C PRO A 457 23.84 -8.77 -3.73
N THR A 458 22.71 -8.83 -3.03
CA THR A 458 21.50 -9.33 -3.67
C THR A 458 20.72 -8.25 -4.42
N PHE A 459 20.96 -6.99 -4.05
CA PHE A 459 20.35 -5.88 -4.75
C PHE A 459 21.15 -5.51 -5.99
N LYS A 460 20.55 -4.73 -6.86
CA LYS A 460 21.27 -4.25 -8.02
C LYS A 460 22.22 -3.11 -7.66
N TYR A 461 23.15 -2.81 -8.56
CA TYR A 461 24.18 -1.80 -8.33
C TYR A 461 23.77 -0.53 -9.09
N ARG A 462 23.88 0.63 -8.43
CA ARG A 462 23.54 1.91 -9.03
C ARG A 462 22.26 1.87 -9.89
N THR A 463 21.17 1.41 -9.29
CA THR A 463 19.94 1.21 -10.03
C THR A 463 18.80 1.95 -9.35
N LYS A 464 18.03 2.69 -10.13
CA LYS A 464 16.81 3.36 -9.64
C LYS A 464 15.62 2.54 -10.11
N VAL A 465 14.62 2.39 -9.24
CA VAL A 465 13.43 1.63 -9.59
C VAL A 465 12.21 2.52 -9.36
N PRO A 466 11.08 2.21 -10.02
CA PRO A 466 9.92 3.08 -9.83
C PRO A 466 9.42 2.97 -8.39
N PRO A 467 8.66 3.97 -7.94
CA PRO A 467 8.08 3.85 -6.60
C PRO A 467 7.19 2.63 -6.49
N PHE A 468 7.07 2.10 -5.29
CA PHE A 468 6.26 0.91 -5.09
C PHE A 468 5.69 0.98 -3.69
N GLU A 469 4.80 0.06 -3.37
CA GLU A 469 4.09 0.09 -2.09
C GLU A 469 4.75 -0.80 -1.05
N ASN A 470 4.67 -0.38 0.21
CA ASN A 470 5.38 -1.08 1.27
C ASN A 470 4.85 -2.49 1.52
N ILE A 471 3.63 -2.77 1.07
CA ILE A 471 3.05 -4.12 1.19
C ILE A 471 3.87 -5.14 0.40
N GLU A 472 4.67 -4.65 -0.54
CA GLU A 472 5.43 -5.54 -1.44
C GLU A 472 6.71 -6.06 -0.80
N LEU A 473 7.19 -5.40 0.26
CA LEU A 473 8.53 -5.66 0.78
C LEU A 473 8.66 -7.00 1.51
N TYR A 474 7.60 -7.43 2.20
CA TYR A 474 7.65 -8.69 2.93
C TYR A 474 8.05 -9.85 1.98
N ASN A 475 7.42 -9.93 0.81
CA ASN A 475 7.79 -10.98 -0.14
C ASN A 475 9.29 -10.93 -0.46
N VAL A 476 9.80 -9.73 -0.67
CA VAL A 476 11.19 -9.51 -1.09
C VAL A 476 12.15 -9.85 0.04
N MET A 477 11.75 -9.54 1.27
CA MET A 477 12.58 -9.88 2.41
C MET A 477 12.60 -11.41 2.58
N CYS A 478 11.47 -12.06 2.32
CA CYS A 478 11.41 -13.51 2.35
C CYS A 478 12.35 -14.07 1.28
N ASP A 479 12.30 -13.50 0.07
CA ASP A 479 13.24 -13.85 -0.98
C ASP A 479 14.69 -13.71 -0.53
N LEU A 480 15.02 -12.57 0.08
CA LEU A 480 16.38 -12.31 0.53
C LEU A 480 16.83 -13.31 1.60
N LEU A 481 15.88 -13.98 2.26
CA LEU A 481 16.23 -14.92 3.32
C LEU A 481 15.95 -16.38 2.99
N GLY A 482 15.54 -16.64 1.75
CA GLY A 482 15.16 -18.00 1.36
C GLY A 482 13.88 -18.51 2.00
N LEU A 483 12.99 -17.60 2.39
CA LEU A 483 11.76 -18.00 3.09
C LEU A 483 10.57 -18.05 2.14
N LYS A 484 9.60 -18.92 2.45
CA LYS A 484 8.34 -18.93 1.73
C LYS A 484 7.35 -18.00 2.44
N PRO A 485 6.89 -16.97 1.74
CA PRO A 485 6.05 -16.01 2.47
C PRO A 485 4.68 -16.56 2.84
N ALA A 486 4.17 -16.17 4.01
CA ALA A 486 2.77 -16.41 4.35
C ALA A 486 1.88 -15.62 3.38
N PRO A 487 0.61 -16.01 3.26
CA PRO A 487 -0.32 -15.34 2.34
C PRO A 487 -0.37 -13.85 2.68
N ASN A 488 -0.15 -13.02 1.68
CA ASN A 488 -0.15 -11.59 1.99
C ASN A 488 -0.64 -10.78 0.81
N ASN A 489 -0.61 -9.45 0.91
CA ASN A 489 -1.21 -8.62 -0.14
C ASN A 489 -0.26 -8.09 -1.20
N GLY A 490 1.04 -8.34 -1.02
CA GLY A 490 1.99 -8.12 -2.08
C GLY A 490 1.65 -9.00 -3.29
N THR A 491 2.29 -8.69 -4.40
CA THR A 491 2.12 -9.45 -5.65
C THR A 491 3.54 -9.95 -5.95
N HIS A 492 3.76 -11.23 -5.67
CA HIS A 492 5.11 -11.75 -5.61
C HIS A 492 5.69 -11.87 -7.00
N GLY A 493 6.80 -11.16 -7.23
CA GLY A 493 7.38 -11.07 -8.56
C GLY A 493 7.38 -9.63 -9.02
N SER A 494 6.44 -8.82 -8.50
CA SER A 494 6.31 -7.43 -8.93
C SER A 494 7.54 -6.59 -8.60
N LEU A 495 8.38 -7.03 -7.66
CA LEU A 495 9.63 -6.34 -7.34
C LEU A 495 10.89 -7.11 -7.74
N ASN A 496 10.76 -8.08 -8.63
CA ASN A 496 11.94 -8.82 -9.08
C ASN A 496 13.03 -7.90 -9.65
N HIS A 497 12.61 -6.78 -10.22
CA HIS A 497 13.56 -5.85 -10.85
C HIS A 497 14.46 -5.11 -9.87
N LEU A 498 14.25 -5.29 -8.56
CA LEU A 498 15.14 -4.69 -7.57
C LEU A 498 16.35 -5.60 -7.33
N LEU A 499 16.27 -6.82 -7.81
CA LEU A 499 17.18 -7.86 -7.36
C LEU A 499 18.13 -8.36 -8.47
N ARG A 500 19.39 -8.57 -8.12
CA ARG A 500 20.39 -9.21 -8.99
C ARG A 500 20.15 -10.73 -9.05
N THR A 501 19.77 -11.31 -7.92
CA THR A 501 19.54 -12.73 -7.82
C THR A 501 18.44 -12.96 -6.78
N ASN A 502 18.00 -14.20 -6.61
CA ASN A 502 16.97 -14.56 -5.63
C ASN A 502 15.58 -14.10 -6.04
N THR A 503 15.42 -13.80 -7.33
CA THR A 503 14.12 -13.37 -7.84
C THR A 503 13.13 -14.52 -7.69
N PHE A 504 11.85 -14.22 -7.69
CA PHE A 504 10.83 -15.25 -7.57
C PHE A 504 10.18 -15.49 -8.92
N ARG A 505 10.16 -16.75 -9.38
CA ARG A 505 9.55 -17.02 -10.67
C ARG A 505 8.04 -17.16 -10.53
N PRO A 506 7.29 -16.16 -11.01
CA PRO A 506 5.84 -16.21 -10.85
C PRO A 506 5.25 -17.20 -11.85
N THR A 507 4.04 -17.67 -11.61
CA THR A 507 3.37 -18.53 -12.56
C THR A 507 1.96 -18.00 -12.78
N LEU A 508 1.58 -17.95 -14.05
CA LEU A 508 0.27 -17.47 -14.46
C LEU A 508 -0.83 -18.28 -13.77
N PRO A 509 -1.83 -17.59 -13.20
CA PRO A 509 -2.94 -18.36 -12.60
C PRO A 509 -3.69 -19.10 -13.69
N GLU A 510 -4.19 -20.29 -13.37
CA GLU A 510 -4.91 -21.08 -14.37
C GLU A 510 -6.35 -20.62 -14.50
N GLU A 511 -6.80 -20.46 -15.73
CA GLU A 511 -8.18 -20.11 -16.01
C GLU A 511 -9.11 -21.19 -15.46
N VAL A 512 -10.16 -20.77 -14.77
CA VAL A 512 -11.12 -21.71 -14.20
C VAL A 512 -12.32 -21.93 -15.13
N SER A 513 -12.82 -20.86 -15.73
CA SER A 513 -13.99 -20.96 -16.59
C SER A 513 -13.65 -20.55 -18.01
N ARG A 514 -13.91 -21.44 -18.96
CA ARG A 514 -13.73 -21.12 -20.37
C ARG A 514 -15.03 -20.56 -20.95
N PRO A 515 -14.92 -19.60 -21.87
CA PRO A 515 -16.12 -18.96 -22.44
C PRO A 515 -16.91 -19.85 -23.38
N ASN A 516 -18.20 -19.58 -23.46
CA ASN A 516 -19.03 -20.04 -24.55
C ASN A 516 -18.87 -19.05 -25.68
N TYR A 517 -19.01 -19.52 -26.91
CA TYR A 517 -18.97 -18.63 -28.06
C TYR A 517 -20.27 -18.79 -28.83
N PRO A 518 -21.36 -18.20 -28.30
CA PRO A 518 -22.70 -18.39 -28.89
C PRO A 518 -22.90 -17.62 -30.19
N GLY A 519 -23.44 -18.30 -31.20
CA GLY A 519 -23.87 -17.64 -32.42
C GLY A 519 -25.35 -17.33 -32.31
N ILE A 520 -25.98 -16.95 -33.41
CA ILE A 520 -27.41 -16.68 -33.41
C ILE A 520 -28.21 -17.94 -33.08
N MET A 521 -29.23 -17.79 -32.25
CA MET A 521 -30.04 -18.92 -31.84
C MET A 521 -31.43 -18.46 -31.43
N TYR A 522 -31.71 -17.18 -31.66
CA TYR A 522 -33.01 -16.59 -31.34
C TYR A 522 -33.42 -15.56 -32.38
N LEU A 523 -34.69 -15.21 -32.40
CA LEU A 523 -35.19 -14.17 -33.29
C LEU A 523 -35.81 -13.08 -32.43
N GLN A 524 -35.80 -11.84 -32.92
CA GLN A 524 -36.39 -10.73 -32.19
C GLN A 524 -37.71 -11.14 -31.56
N SER A 525 -38.47 -11.95 -32.30
CA SER A 525 -39.77 -12.40 -31.86
C SER A 525 -39.72 -13.23 -30.58
N ASP A 526 -38.53 -13.76 -30.27
CA ASP A 526 -38.35 -14.60 -29.08
C ASP A 526 -38.29 -13.77 -27.78
N PHE A 527 -38.08 -12.46 -27.92
CA PHE A 527 -37.84 -11.61 -26.76
C PHE A 527 -39.03 -10.77 -26.31
N ASP A 528 -39.34 -10.86 -25.02
CA ASP A 528 -40.35 -10.00 -24.41
C ASP A 528 -39.75 -9.23 -23.24
N LEU A 529 -38.88 -8.28 -23.54
CA LEU A 529 -38.11 -7.57 -22.51
C LEU A 529 -38.65 -6.19 -22.15
N GLY A 530 -39.55 -5.67 -22.96
CA GLY A 530 -40.11 -4.37 -22.67
C GLY A 530 -39.25 -3.28 -23.28
N CYS A 531 -38.28 -3.68 -24.09
CA CYS A 531 -37.42 -2.72 -24.75
C CYS A 531 -38.08 -2.19 -26.03
N THR A 532 -37.58 -1.06 -26.51
CA THR A 532 -37.99 -0.54 -27.81
C THR A 532 -36.83 0.19 -28.45
N CYS A 533 -36.82 0.18 -29.78
CA CYS A 533 -35.84 0.92 -30.53
C CYS A 533 -36.49 1.35 -31.86
N ASP A 534 -36.29 2.60 -32.24
CA ASP A 534 -36.81 3.10 -33.50
C ASP A 534 -35.77 2.98 -34.62
N GLY A 550 -11.76 -11.10 -34.83
CA GLY A 550 -11.04 -11.15 -36.09
C GLY A 550 -11.76 -10.44 -37.22
N SER A 551 -11.36 -9.21 -37.51
CA SER A 551 -10.27 -8.55 -36.80
C SER A 551 -10.78 -7.80 -35.57
N THR A 552 -11.31 -8.55 -34.61
CA THR A 552 -11.76 -7.99 -33.35
C THR A 552 -10.87 -8.47 -32.21
N GLU A 553 -10.97 -9.76 -31.88
CA GLU A 553 -10.23 -10.27 -30.72
C GLU A 553 -8.77 -9.79 -30.77
N GLU A 554 -8.19 -9.78 -31.96
CA GLU A 554 -6.82 -9.33 -32.13
C GLU A 554 -6.68 -7.81 -31.96
N ARG A 555 -7.74 -7.06 -32.30
CA ARG A 555 -7.66 -5.59 -32.25
C ARG A 555 -8.34 -4.90 -31.06
N HIS A 556 -9.25 -5.59 -30.39
CA HIS A 556 -9.89 -4.96 -29.24
C HIS A 556 -9.47 -5.61 -27.93
N LEU A 557 -8.78 -6.75 -28.02
CA LEU A 557 -8.09 -7.36 -26.88
C LEU A 557 -6.59 -7.36 -27.14
N LEU A 558 -5.96 -6.20 -27.04
CA LEU A 558 -4.54 -6.10 -27.37
C LEU A 558 -3.66 -6.98 -26.48
N TYR A 559 -4.15 -7.33 -25.30
CA TYR A 559 -3.31 -8.07 -24.35
C TYR A 559 -3.90 -9.43 -23.99
N GLY A 560 -4.77 -9.95 -24.84
CA GLY A 560 -5.36 -11.24 -24.61
C GLY A 560 -6.64 -11.11 -23.81
N ARG A 561 -7.50 -12.11 -23.87
CA ARG A 561 -8.72 -12.04 -23.10
C ARG A 561 -8.40 -12.29 -21.63
N PRO A 562 -9.08 -11.57 -20.74
CA PRO A 562 -8.89 -11.81 -19.30
C PRO A 562 -9.26 -13.25 -19.00
N ALA A 563 -8.59 -13.87 -18.04
CA ALA A 563 -8.98 -15.21 -17.62
C ALA A 563 -9.91 -15.12 -16.43
N VAL A 564 -11.00 -15.87 -16.47
CA VAL A 564 -11.96 -15.92 -15.35
C VAL A 564 -11.45 -16.94 -14.36
N LEU A 565 -11.19 -16.51 -13.13
CA LEU A 565 -10.54 -17.39 -12.15
C LEU A 565 -11.51 -17.99 -11.14
N TYR A 566 -12.79 -18.00 -11.47
CA TYR A 566 -13.79 -18.64 -10.63
C TYR A 566 -14.76 -19.40 -11.51
N ARG A 567 -15.60 -20.21 -10.89
CA ARG A 567 -16.56 -21.05 -11.63
C ARG A 567 -17.81 -20.26 -11.97
N THR A 568 -18.05 -20.08 -13.26
CA THR A 568 -19.20 -19.33 -13.71
C THR A 568 -19.46 -19.64 -15.19
N SER A 569 -20.53 -19.07 -15.73
CA SER A 569 -20.89 -19.30 -17.11
C SER A 569 -20.97 -17.97 -17.86
N TYR A 570 -20.17 -17.82 -18.91
CA TYR A 570 -20.15 -16.57 -19.69
C TYR A 570 -19.81 -16.76 -21.16
N ASP A 571 -20.20 -15.76 -21.97
CA ASP A 571 -20.06 -15.83 -23.42
C ASP A 571 -19.13 -14.75 -23.94
N ILE A 572 -18.27 -15.10 -24.89
CA ILE A 572 -17.56 -14.06 -25.61
C ILE A 572 -18.54 -13.49 -26.63
N LEU A 573 -18.57 -12.17 -26.75
CA LEU A 573 -19.40 -11.51 -27.74
C LEU A 573 -18.55 -10.56 -28.55
N TYR A 574 -18.52 -10.78 -29.87
CA TYR A 574 -17.74 -9.93 -30.75
C TYR A 574 -18.61 -8.84 -31.35
N HIS A 575 -17.99 -7.70 -31.64
CA HIS A 575 -18.69 -6.59 -32.27
C HIS A 575 -17.66 -5.85 -33.08
N THR A 576 -18.11 -4.99 -33.99
CA THR A 576 -17.15 -4.22 -34.78
C THR A 576 -16.23 -3.43 -33.87
N ASP A 577 -16.83 -2.75 -32.89
CA ASP A 577 -16.08 -1.80 -32.06
C ASP A 577 -15.68 -2.30 -30.69
N PHE A 578 -16.16 -3.47 -30.28
CA PHE A 578 -15.83 -3.93 -28.94
C PHE A 578 -16.07 -5.42 -28.76
N GLU A 579 -15.40 -5.98 -27.77
CA GLU A 579 -15.61 -7.36 -27.37
C GLU A 579 -15.96 -7.38 -25.89
N SER A 580 -16.63 -8.43 -25.46
CA SER A 580 -17.00 -8.57 -24.06
C SER A 580 -17.09 -10.02 -23.64
N GLY A 581 -16.93 -10.25 -22.33
CA GLY A 581 -17.27 -11.51 -21.73
C GLY A 581 -18.57 -11.32 -20.96
N TYR A 582 -19.67 -11.71 -21.60
CA TYR A 582 -21.00 -11.53 -21.03
C TYR A 582 -21.37 -12.66 -20.08
N SER A 583 -21.71 -12.30 -18.85
CA SER A 583 -22.03 -13.30 -17.85
C SER A 583 -23.50 -13.67 -17.92
N GLU A 584 -23.80 -14.96 -18.02
CA GLU A 584 -25.17 -15.42 -18.08
C GLU A 584 -25.74 -15.52 -16.66
N ILE A 585 -24.86 -15.30 -15.69
CA ILE A 585 -25.25 -15.35 -14.28
C ILE A 585 -25.58 -13.96 -13.77
N PHE A 586 -24.72 -12.99 -14.07
CA PHE A 586 -24.95 -11.64 -13.56
C PHE A 586 -25.64 -10.74 -14.55
N LEU A 587 -25.90 -11.30 -15.73
CA LEU A 587 -26.76 -10.68 -16.73
C LEU A 587 -26.16 -9.40 -17.26
N MET A 588 -24.84 -9.35 -17.27
CA MET A 588 -24.12 -8.24 -17.84
C MET A 588 -22.70 -8.71 -18.05
N PRO A 589 -21.90 -7.95 -18.80
CA PRO A 589 -20.50 -8.32 -19.01
C PRO A 589 -19.67 -8.21 -17.72
N LEU A 590 -18.74 -9.14 -17.56
CA LEU A 590 -17.71 -9.08 -16.54
C LEU A 590 -16.66 -8.08 -16.99
N TRP A 591 -16.60 -7.88 -18.30
CA TRP A 591 -15.61 -6.98 -18.90
C TRP A 591 -15.98 -6.64 -20.35
N THR A 592 -15.64 -5.42 -20.77
CA THR A 592 -15.95 -4.91 -22.10
C THR A 592 -14.68 -4.24 -22.59
N SER A 593 -14.16 -4.71 -23.71
CA SER A 593 -12.83 -4.29 -24.11
C SER A 593 -12.84 -3.67 -25.50
N TYR A 594 -12.22 -2.51 -25.63
CA TYR A 594 -12.22 -1.84 -26.93
C TYR A 594 -11.05 -0.89 -27.07
N THR A 595 -10.59 -0.69 -28.31
CA THR A 595 -9.50 0.24 -28.54
C THR A 595 -10.00 1.48 -29.28
N ILE A 596 -9.46 2.62 -28.87
CA ILE A 596 -9.83 3.92 -29.42
C ILE A 596 -8.60 4.63 -29.94
N SER A 597 -8.54 4.81 -31.26
CA SER A 597 -7.37 5.44 -31.87
C SER A 597 -7.31 6.92 -31.54
N LYS A 598 -6.10 7.47 -31.61
CA LYS A 598 -5.88 8.88 -31.38
C LYS A 598 -6.78 9.75 -32.25
N GLN A 599 -7.02 9.31 -33.48
CA GLN A 599 -7.81 10.10 -34.42
C GLN A 599 -9.26 9.63 -34.51
N ALA A 600 -9.68 8.82 -33.54
CA ALA A 600 -11.08 8.39 -33.49
C ALA A 600 -12.00 9.60 -33.38
N GLU A 601 -13.20 9.46 -33.93
CA GLU A 601 -14.16 10.55 -33.97
C GLU A 601 -15.31 10.28 -33.02
N VAL A 602 -15.71 11.30 -32.27
CA VAL A 602 -16.83 11.18 -31.34
C VAL A 602 -18.15 11.69 -31.93
N SER A 603 -19.08 10.77 -32.13
CA SER A 603 -20.40 11.08 -32.65
C SER A 603 -21.39 11.19 -31.50
N SER A 604 -22.60 11.65 -31.79
CA SER A 604 -23.63 11.80 -30.76
C SER A 604 -24.62 10.65 -30.79
N ILE A 605 -25.53 10.62 -29.82
CA ILE A 605 -26.61 9.63 -29.81
C ILE A 605 -27.87 10.27 -30.36
N PRO A 606 -28.25 9.91 -31.60
CA PRO A 606 -29.42 10.51 -32.26
C PRO A 606 -30.65 10.50 -31.36
N GLU A 607 -31.45 11.57 -31.44
CA GLU A 607 -32.58 11.75 -30.55
C GLU A 607 -33.59 10.60 -30.60
N HIS A 608 -33.71 9.94 -31.74
CA HIS A 608 -34.68 8.85 -31.89
C HIS A 608 -34.17 7.54 -31.29
N LEU A 609 -32.90 7.54 -30.90
CA LEU A 609 -32.26 6.36 -30.30
C LEU A 609 -31.97 6.57 -28.82
N THR A 610 -32.44 7.70 -28.28
CA THR A 610 -32.26 8.02 -26.87
C THR A 610 -32.54 6.82 -26.00
N ASN A 611 -33.71 6.23 -26.17
CA ASN A 611 -34.14 5.12 -25.35
C ASN A 611 -34.05 3.78 -26.07
N CYS A 612 -33.12 3.69 -27.02
CA CYS A 612 -33.00 2.49 -27.82
C CYS A 612 -32.24 1.38 -27.11
N VAL A 613 -32.94 0.30 -26.78
CA VAL A 613 -32.31 -0.91 -26.30
C VAL A 613 -32.73 -2.10 -27.16
N ARG A 614 -31.77 -2.86 -27.67
CA ARG A 614 -32.06 -3.99 -28.56
C ARG A 614 -31.74 -5.33 -27.93
N PRO A 615 -32.65 -6.29 -28.02
CA PRO A 615 -32.34 -7.66 -27.56
C PRO A 615 -31.18 -8.24 -28.35
N ASP A 616 -30.55 -9.28 -27.83
CA ASP A 616 -29.35 -9.85 -28.45
C ASP A 616 -29.56 -11.32 -28.82
N VAL A 617 -29.76 -11.56 -30.11
CA VAL A 617 -30.12 -12.88 -30.62
C VAL A 617 -29.07 -13.96 -30.41
N ARG A 618 -27.95 -13.63 -29.74
CA ARG A 618 -26.93 -14.63 -29.43
C ARG A 618 -27.13 -15.16 -28.01
N VAL A 619 -27.88 -14.40 -27.22
CA VAL A 619 -28.05 -14.72 -25.81
C VAL A 619 -29.51 -14.91 -25.54
N SER A 620 -29.83 -15.98 -24.82
CA SER A 620 -31.22 -16.35 -24.58
C SER A 620 -31.96 -15.23 -23.90
N PRO A 621 -33.28 -15.16 -24.10
CA PRO A 621 -34.10 -14.16 -23.42
C PRO A 621 -34.00 -14.34 -21.91
N GLY A 622 -33.84 -15.59 -21.47
CA GLY A 622 -33.80 -15.89 -20.06
C GLY A 622 -32.51 -15.46 -19.38
N PHE A 623 -31.48 -15.21 -20.18
CA PHE A 623 -30.19 -14.76 -19.66
C PHE A 623 -29.96 -13.30 -20.00
N SER A 624 -31.05 -12.55 -20.14
CA SER A 624 -30.96 -11.14 -20.51
C SER A 624 -31.63 -10.25 -19.46
N GLN A 625 -31.21 -8.99 -19.38
CA GLN A 625 -31.93 -8.00 -18.59
C GLN A 625 -33.18 -7.63 -19.38
N ASN A 626 -34.09 -6.91 -18.75
CA ASN A 626 -35.26 -6.42 -19.47
C ASN A 626 -35.51 -4.96 -19.14
N CYS A 627 -35.97 -4.20 -20.12
CA CYS A 627 -36.10 -2.77 -19.95
C CYS A 627 -37.27 -2.39 -19.05
N LEU A 628 -38.23 -3.30 -18.93
CA LEU A 628 -39.38 -3.04 -18.06
C LEU A 628 -38.95 -2.75 -16.63
N ALA A 629 -37.98 -3.53 -16.15
CA ALA A 629 -37.46 -3.34 -14.80
C ALA A 629 -36.96 -1.90 -14.66
N TYR A 630 -36.21 -1.43 -15.65
CA TYR A 630 -35.78 -0.05 -15.60
C TYR A 630 -36.96 0.90 -15.68
N LYS A 631 -37.76 0.80 -16.74
CA LYS A 631 -38.94 1.64 -16.84
C LYS A 631 -39.66 1.77 -15.48
N ASN A 632 -39.70 0.68 -14.71
CA ASN A 632 -40.45 0.62 -13.46
C ASN A 632 -39.74 1.08 -12.19
N ASP A 633 -38.41 0.96 -12.16
CA ASP A 633 -37.64 1.36 -10.99
C ASP A 633 -37.52 2.87 -10.99
N LYS A 634 -38.13 3.56 -10.03
CA LYS A 634 -38.12 5.02 -10.05
C LYS A 634 -36.75 5.65 -9.81
N GLN A 635 -35.81 4.86 -9.29
CA GLN A 635 -34.52 5.39 -8.86
C GLN A 635 -33.33 5.01 -9.73
N MET A 636 -33.44 3.88 -10.42
CA MET A 636 -32.31 3.32 -11.14
C MET A 636 -32.46 3.46 -12.64
N SER A 637 -31.47 4.03 -13.32
CA SER A 637 -31.47 4.05 -14.78
C SER A 637 -30.46 3.02 -15.33
N TYR A 638 -29.94 3.24 -16.53
CA TYR A 638 -28.97 2.32 -17.09
C TYR A 638 -27.93 3.06 -17.91
N GLY A 639 -26.82 2.39 -18.19
CA GLY A 639 -25.80 2.96 -19.05
C GLY A 639 -25.21 1.88 -19.90
N PHE A 640 -24.22 2.22 -20.72
CA PHE A 640 -23.57 1.24 -21.55
C PHE A 640 -22.06 1.19 -21.28
N LEU A 641 -21.50 -0.01 -21.25
CA LEU A 641 -20.05 -0.15 -21.09
C LEU A 641 -19.25 0.33 -22.31
N PHE A 642 -19.60 -0.14 -23.51
CA PHE A 642 -19.08 0.49 -24.71
C PHE A 642 -19.98 1.66 -25.06
N PRO A 643 -19.41 2.87 -25.13
CA PRO A 643 -20.20 4.08 -25.32
C PRO A 643 -20.63 4.25 -26.79
N PRO A 644 -21.93 4.43 -27.04
CA PRO A 644 -22.37 4.66 -28.41
C PRO A 644 -21.60 5.82 -29.03
N TYR A 645 -21.23 6.80 -28.21
CA TYR A 645 -20.50 7.97 -28.69
C TYR A 645 -19.23 7.65 -29.47
N LEU A 646 -18.72 6.43 -29.35
CA LEU A 646 -17.44 6.10 -29.97
C LEU A 646 -17.55 5.05 -31.08
N SER A 647 -18.78 4.80 -31.50
CA SER A 647 -19.08 3.86 -32.58
C SER A 647 -18.28 4.16 -33.84
N SER A 648 -17.97 3.11 -34.61
CA SER A 648 -17.19 3.25 -35.83
C SER A 648 -18.08 3.62 -37.01
N SER A 649 -19.39 3.37 -36.86
CA SER A 649 -20.36 3.66 -37.91
C SER A 649 -21.77 3.34 -37.43
N PRO A 650 -22.77 4.09 -37.91
CA PRO A 650 -24.16 3.89 -37.46
C PRO A 650 -24.60 2.42 -37.45
N GLU A 651 -24.17 1.64 -38.43
CA GLU A 651 -24.44 0.20 -38.41
C GLU A 651 -23.84 -0.44 -37.14
N ALA A 652 -22.65 0.03 -36.78
CA ALA A 652 -21.96 -0.40 -35.57
C ALA A 652 -22.62 0.17 -34.32
N LYS A 653 -22.80 1.48 -34.33
CA LYS A 653 -23.39 2.21 -33.20
C LYS A 653 -24.63 1.53 -32.65
N TYR A 654 -25.36 0.85 -33.53
CA TYR A 654 -26.58 0.16 -33.14
C TYR A 654 -26.26 -1.04 -32.24
N ASP A 655 -25.04 -1.53 -32.35
CA ASP A 655 -24.57 -2.62 -31.50
C ASP A 655 -24.41 -2.16 -30.07
N ALA A 656 -24.10 -0.89 -29.89
CA ALA A 656 -23.89 -0.32 -28.55
C ALA A 656 -25.16 -0.37 -27.74
N PHE A 657 -26.31 -0.40 -28.41
CA PHE A 657 -27.60 -0.37 -27.73
C PHE A 657 -28.09 -1.77 -27.38
N LEU A 658 -27.27 -2.77 -27.65
CA LEU A 658 -27.65 -4.14 -27.31
C LEU A 658 -27.95 -4.23 -25.83
N VAL A 659 -28.82 -5.16 -25.46
CA VAL A 659 -29.21 -5.37 -24.07
C VAL A 659 -28.03 -5.97 -23.28
N THR A 660 -27.02 -6.43 -24.01
CA THR A 660 -25.89 -7.14 -23.41
C THR A 660 -24.70 -6.21 -23.22
N ASN A 661 -24.91 -4.94 -23.56
CA ASN A 661 -23.94 -3.90 -23.32
C ASN A 661 -24.45 -2.96 -22.22
N MET A 662 -25.64 -3.24 -21.69
CA MET A 662 -26.29 -2.36 -20.73
C MET A 662 -26.02 -2.74 -19.26
N VAL A 663 -25.88 -1.75 -18.39
CA VAL A 663 -25.68 -2.01 -16.96
C VAL A 663 -26.47 -1.02 -16.12
N PRO A 664 -26.86 -1.42 -14.90
CA PRO A 664 -27.65 -0.53 -14.05
C PRO A 664 -26.85 0.61 -13.47
N MET A 665 -27.30 1.82 -13.72
CA MET A 665 -26.64 3.00 -13.19
C MET A 665 -27.63 4.02 -12.61
N TYR A 666 -27.38 4.47 -11.38
CA TYR A 666 -28.11 5.63 -10.87
C TYR A 666 -27.84 6.85 -11.71
N PRO A 667 -28.88 7.70 -11.90
CA PRO A 667 -28.69 8.98 -12.58
C PRO A 667 -27.46 9.71 -12.06
N ALA A 668 -27.28 9.75 -10.73
CA ALA A 668 -26.11 10.40 -10.13
C ALA A 668 -24.84 9.87 -10.74
N PHE A 669 -24.74 8.55 -10.82
CA PHE A 669 -23.58 7.95 -11.44
C PHE A 669 -23.48 8.23 -12.94
N LYS A 670 -24.63 8.18 -13.62
CA LYS A 670 -24.67 8.46 -15.04
C LYS A 670 -24.02 9.79 -15.38
N ARG A 671 -24.15 10.77 -14.48
CA ARG A 671 -23.50 12.08 -14.69
C ARG A 671 -22.00 11.91 -14.86
N VAL A 672 -21.41 11.08 -14.00
CA VAL A 672 -20.01 10.75 -14.07
C VAL A 672 -19.67 9.90 -15.29
N TRP A 673 -20.42 8.82 -15.46
CA TRP A 673 -20.13 7.84 -16.50
C TRP A 673 -20.28 8.44 -17.90
N THR A 674 -21.33 9.22 -18.12
CA THR A 674 -21.51 9.82 -19.43
C THR A 674 -20.37 10.77 -19.75
N TYR A 675 -19.96 11.58 -18.78
CA TYR A 675 -18.83 12.48 -19.00
C TYR A 675 -17.55 11.69 -19.31
N PHE A 676 -17.36 10.58 -18.59
CA PHE A 676 -16.22 9.71 -18.83
C PHE A 676 -16.28 9.13 -20.25
N GLN A 677 -17.43 8.60 -20.61
CA GLN A 677 -17.61 7.91 -21.89
C GLN A 677 -17.51 8.85 -23.10
N ARG A 678 -18.06 10.06 -22.94
CA ARG A 678 -18.20 11.03 -24.02
C ARG A 678 -17.00 11.96 -24.16
N VAL A 679 -16.49 12.46 -23.04
CA VAL A 679 -15.39 13.41 -23.06
C VAL A 679 -14.03 12.77 -22.77
N LEU A 680 -13.92 12.07 -21.64
CA LEU A 680 -12.61 11.64 -21.14
C LEU A 680 -11.88 10.53 -21.94
N VAL A 681 -12.60 9.50 -22.37
CA VAL A 681 -11.96 8.41 -23.09
C VAL A 681 -11.30 8.94 -24.35
N LYS A 682 -12.02 9.78 -25.08
CA LYS A 682 -11.44 10.40 -26.27
C LYS A 682 -10.26 11.27 -25.88
N LYS A 683 -10.40 12.05 -24.82
CA LYS A 683 -9.33 12.91 -24.36
C LYS A 683 -8.07 12.11 -24.02
N TYR A 684 -8.26 10.92 -23.43
CA TYR A 684 -7.13 10.03 -23.15
C TYR A 684 -6.49 9.53 -24.44
N ALA A 685 -7.31 9.06 -25.37
CA ALA A 685 -6.84 8.58 -26.67
C ALA A 685 -6.00 9.62 -27.38
N SER A 686 -6.44 10.88 -27.28
CA SER A 686 -5.72 11.97 -27.92
C SER A 686 -4.38 12.23 -27.27
N GLU A 687 -4.35 12.20 -25.94
CA GLU A 687 -3.12 12.50 -25.18
C GLU A 687 -2.10 11.37 -25.19
N ARG A 688 -2.56 10.14 -25.28
CA ARG A 688 -1.67 8.98 -25.13
C ARG A 688 -1.40 8.25 -26.45
N ASN A 689 -1.96 8.79 -27.54
CA ASN A 689 -1.85 8.19 -28.87
C ASN A 689 -2.70 6.96 -28.95
N GLY A 690 -3.97 7.13 -28.63
CA GLY A 690 -4.92 6.04 -28.58
C GLY A 690 -4.90 5.34 -27.23
N VAL A 691 -6.01 4.69 -26.88
CA VAL A 691 -6.09 3.91 -25.64
C VAL A 691 -6.86 2.62 -25.84
N ASN A 692 -6.43 1.57 -25.16
CA ASN A 692 -7.24 0.37 -25.04
C ASN A 692 -7.96 0.45 -23.70
N VAL A 693 -9.27 0.21 -23.71
CA VAL A 693 -10.08 0.32 -22.51
C VAL A 693 -10.72 -1.00 -22.18
N ILE A 694 -10.70 -1.38 -20.90
CA ILE A 694 -11.54 -2.46 -20.44
C ILE A 694 -12.33 -1.93 -19.26
N SER A 695 -13.66 -1.99 -19.38
CA SER A 695 -14.55 -1.51 -18.34
C SER A 695 -15.47 -2.64 -17.90
N GLY A 696 -16.01 -2.53 -16.69
CA GLY A 696 -16.86 -3.57 -16.15
C GLY A 696 -17.41 -3.22 -14.79
N PRO A 697 -18.30 -4.07 -14.27
CA PRO A 697 -18.90 -3.93 -12.93
C PRO A 697 -18.07 -4.62 -11.86
N ILE A 698 -18.20 -4.11 -10.63
CA ILE A 698 -17.62 -4.72 -9.44
C ILE A 698 -18.70 -4.87 -8.40
N PHE A 699 -18.76 -6.04 -7.79
CA PHE A 699 -19.65 -6.29 -6.65
C PHE A 699 -18.85 -6.57 -5.37
N ASP A 700 -18.92 -5.65 -4.42
CA ASP A 700 -18.28 -5.87 -3.15
C ASP A 700 -19.18 -5.35 -2.02
N TYR A 701 -20.31 -6.03 -1.79
CA TYR A 701 -21.26 -5.58 -0.79
C TYR A 701 -20.74 -5.67 0.65
N ASN A 702 -19.82 -6.59 0.95
CA ASN A 702 -19.26 -6.67 2.30
C ASN A 702 -17.91 -5.96 2.45
N TYR A 703 -17.60 -5.09 1.49
CA TYR A 703 -16.40 -4.25 1.51
C TYR A 703 -15.14 -4.96 1.97
N ASN A 704 -14.90 -6.17 1.47
CA ASN A 704 -13.66 -6.86 1.82
C ASN A 704 -12.61 -6.81 0.69
N GLY A 705 -12.89 -6.08 -0.39
CA GLY A 705 -11.92 -5.91 -1.46
C GLY A 705 -11.85 -7.09 -2.42
N LEU A 706 -12.79 -8.03 -2.26
CA LEU A 706 -12.77 -9.28 -3.05
C LEU A 706 -14.09 -9.44 -3.79
N ARG A 707 -14.04 -10.10 -4.94
CA ARG A 707 -15.25 -10.47 -5.67
C ARG A 707 -16.35 -11.04 -4.77
N ASP A 708 -17.56 -10.47 -4.82
CA ASP A 708 -18.73 -11.09 -4.15
C ASP A 708 -19.13 -12.39 -4.87
N ILE A 709 -19.53 -13.40 -4.10
CA ILE A 709 -20.25 -14.53 -4.69
C ILE A 709 -21.72 -14.16 -4.78
N GLU A 710 -22.52 -14.94 -5.50
CA GLU A 710 -23.94 -14.58 -5.70
C GLU A 710 -24.68 -14.27 -4.41
N ASP A 711 -24.46 -15.10 -3.40
CA ASP A 711 -25.14 -14.96 -2.11
C ASP A 711 -24.86 -13.63 -1.42
N GLU A 712 -23.77 -12.98 -1.79
CA GLU A 712 -23.34 -11.76 -1.10
C GLU A 712 -23.93 -10.48 -1.69
N ILE A 713 -24.46 -10.58 -2.89
CA ILE A 713 -25.06 -9.42 -3.56
C ILE A 713 -26.39 -9.06 -2.89
N LYS A 714 -26.59 -7.78 -2.61
CA LYS A 714 -27.69 -7.37 -1.73
C LYS A 714 -28.65 -6.42 -2.38
N GLN A 715 -28.37 -6.01 -3.61
CA GLN A 715 -29.27 -5.06 -4.26
C GLN A 715 -29.52 -5.45 -5.70
N TYR A 716 -30.77 -5.35 -6.13
CA TYR A 716 -31.16 -5.72 -7.50
C TYR A 716 -32.02 -4.62 -8.10
N VAL A 717 -32.08 -4.52 -9.42
CA VAL A 717 -32.99 -3.54 -10.04
C VAL A 717 -34.41 -3.91 -9.63
N GLU A 718 -35.22 -2.90 -9.32
CA GLU A 718 -36.57 -3.16 -8.80
C GLU A 718 -37.31 -4.22 -9.61
N GLY A 719 -37.94 -5.14 -8.90
CA GLY A 719 -38.80 -6.16 -9.48
C GLY A 719 -38.06 -7.22 -10.27
N SER A 720 -36.72 -7.20 -10.21
CA SER A 720 -35.92 -8.05 -11.08
C SER A 720 -34.85 -8.83 -10.35
N SER A 721 -34.08 -9.61 -11.10
CA SER A 721 -32.89 -10.25 -10.55
C SER A 721 -31.61 -9.72 -11.23
N ILE A 722 -31.67 -8.51 -11.75
CA ILE A 722 -30.49 -7.83 -12.27
C ILE A 722 -29.69 -7.21 -11.11
N PRO A 723 -28.49 -7.74 -10.84
CA PRO A 723 -27.72 -7.30 -9.67
C PRO A 723 -27.08 -5.93 -9.91
N VAL A 724 -26.99 -5.13 -8.86
CA VAL A 724 -26.49 -3.76 -8.95
C VAL A 724 -25.01 -3.71 -8.48
N PRO A 725 -24.10 -3.34 -9.39
CA PRO A 725 -22.69 -3.20 -9.03
C PRO A 725 -22.47 -2.15 -7.93
N THR A 726 -21.52 -2.38 -7.04
CA THR A 726 -21.17 -1.35 -6.04
C THR A 726 -20.20 -0.34 -6.63
N HIS A 727 -19.49 -0.78 -7.67
CA HIS A 727 -18.50 0.03 -8.36
C HIS A 727 -18.45 -0.32 -9.84
N TYR A 728 -17.93 0.60 -10.65
CA TYR A 728 -17.58 0.28 -12.03
C TYR A 728 -16.11 0.60 -12.22
N TYR A 729 -15.40 -0.26 -12.95
CA TYR A 729 -13.97 -0.06 -13.15
C TYR A 729 -13.69 0.27 -14.59
N SER A 730 -12.55 0.91 -14.81
CA SER A 730 -12.05 1.02 -16.16
C SER A 730 -10.54 0.98 -16.10
N ILE A 731 -9.94 0.23 -17.03
CA ILE A 731 -8.50 0.08 -17.07
C ILE A 731 -8.06 0.58 -18.44
N ILE A 732 -7.26 1.63 -18.46
CA ILE A 732 -6.90 2.28 -19.71
C ILE A 732 -5.41 2.12 -20.01
N THR A 733 -5.12 1.41 -21.09
CA THR A 733 -3.74 1.01 -21.39
C THR A 733 -3.30 1.65 -22.70
N SER A 734 -2.02 2.04 -22.75
CA SER A 734 -1.42 2.61 -23.96
C SER A 734 0.07 2.26 -24.00
N CYS A 735 0.77 2.78 -24.99
CA CYS A 735 2.19 2.47 -25.13
C CYS A 735 2.99 3.44 -24.28
N LEU A 736 3.95 2.92 -23.50
CA LEU A 736 4.76 3.79 -22.68
C LEU A 736 5.49 4.79 -23.56
N ASP A 737 5.98 4.30 -24.70
CA ASP A 737 6.53 5.17 -25.72
C ASP A 737 5.36 5.76 -26.48
N PHE A 738 4.99 6.99 -26.12
CA PHE A 738 3.79 7.60 -26.70
C PHE A 738 3.92 7.81 -28.23
N THR A 739 5.13 7.74 -28.76
CA THR A 739 5.29 7.93 -30.20
C THR A 739 4.67 6.76 -30.98
N GLN A 740 4.47 5.63 -30.30
CA GLN A 740 3.82 4.49 -30.89
C GLN A 740 2.35 4.42 -30.48
N PRO A 741 1.47 4.12 -31.44
CA PRO A 741 0.04 4.02 -31.16
C PRO A 741 -0.24 2.84 -30.25
N ALA A 742 -1.28 2.94 -29.43
CA ALA A 742 -1.61 1.84 -28.50
C ALA A 742 -1.60 0.46 -29.18
N ASP A 743 -2.11 0.37 -30.40
CA ASP A 743 -2.23 -0.93 -31.06
C ASP A 743 -0.98 -1.42 -31.78
N LYS A 744 0.05 -0.57 -31.85
CA LYS A 744 1.31 -0.96 -32.47
C LYS A 744 2.46 -0.72 -31.52
N CYS A 745 2.27 -1.13 -30.27
CA CYS A 745 3.27 -0.91 -29.24
C CYS A 745 4.29 -2.04 -29.22
N ASP A 746 5.55 -1.68 -29.41
CA ASP A 746 6.62 -2.66 -29.42
C ASP A 746 7.10 -3.07 -28.04
N GLY A 747 7.02 -2.16 -27.07
CA GLY A 747 7.66 -2.34 -25.78
C GLY A 747 6.76 -2.16 -24.57
N PRO A 748 7.29 -1.52 -23.50
CA PRO A 748 6.54 -1.42 -22.24
C PRO A 748 5.22 -0.68 -22.37
N LEU A 749 4.29 -1.01 -21.48
CA LEU A 749 2.97 -0.40 -21.47
C LEU A 749 2.82 0.71 -20.43
N SER A 750 1.81 1.56 -20.62
CA SER A 750 1.42 2.58 -19.63
C SER A 750 -0.05 2.33 -19.25
N VAL A 751 -0.36 2.35 -17.95
CA VAL A 751 -1.74 2.04 -17.53
C VAL A 751 -2.24 3.03 -16.47
N SER A 752 -3.49 3.42 -16.55
CA SER A 752 -4.15 4.09 -15.43
C SER A 752 -5.51 3.43 -15.28
N SER A 753 -5.99 3.29 -14.05
CA SER A 753 -7.27 2.65 -13.85
C SER A 753 -8.03 3.35 -12.75
N PHE A 754 -9.33 3.06 -12.67
CA PHE A 754 -10.20 3.63 -11.65
C PHE A 754 -11.19 2.59 -11.15
N ILE A 755 -11.65 2.78 -9.91
CA ILE A 755 -12.76 2.00 -9.36
C ILE A 755 -13.75 3.02 -8.79
N LEU A 756 -14.75 3.35 -9.61
CA LEU A 756 -15.68 4.40 -9.26
C LEU A 756 -16.84 3.86 -8.43
N PRO A 757 -17.14 4.53 -7.32
CA PRO A 757 -18.26 4.05 -6.49
C PRO A 757 -19.61 4.31 -7.15
N HIS A 758 -20.48 3.31 -7.10
CA HIS A 758 -21.78 3.43 -7.73
C HIS A 758 -22.76 3.86 -6.65
N ARG A 759 -23.00 5.17 -6.56
CA ARG A 759 -23.77 5.75 -5.47
C ARG A 759 -24.99 6.52 -6.03
N PRO A 760 -26.08 6.57 -5.25
CA PRO A 760 -27.35 7.17 -5.70
C PRO A 760 -27.34 8.70 -5.61
N ASP A 761 -26.26 9.27 -5.08
CA ASP A 761 -26.11 10.71 -5.06
C ASP A 761 -24.64 11.07 -5.30
N ASN A 762 -24.39 12.35 -5.54
CA ASN A 762 -23.03 12.85 -5.64
C ASN A 762 -22.62 13.66 -4.40
N ASP A 763 -23.06 13.24 -3.21
CA ASP A 763 -22.76 14.00 -2.00
C ASP A 763 -21.26 14.06 -1.76
N GLU A 764 -20.54 13.07 -2.27
CA GLU A 764 -19.08 13.06 -2.13
C GLU A 764 -18.44 14.29 -2.81
N SER A 765 -19.05 14.75 -3.90
CA SER A 765 -18.45 15.82 -4.69
C SER A 765 -19.15 17.12 -4.35
N CYS A 766 -18.48 17.96 -3.56
CA CYS A 766 -19.15 19.19 -3.08
C CYS A 766 -19.54 20.17 -4.18
N ASN A 767 -18.88 20.08 -5.34
CA ASN A 767 -19.18 20.99 -6.45
C ASN A 767 -20.06 20.38 -7.54
N SER A 768 -20.76 19.30 -7.23
CA SER A 768 -21.44 18.54 -8.27
C SER A 768 -22.68 19.25 -8.81
N SER A 769 -23.04 20.38 -8.21
CA SER A 769 -24.21 21.10 -8.74
C SER A 769 -23.77 21.84 -10.01
N GLU A 770 -22.47 22.00 -10.15
CA GLU A 770 -21.88 22.60 -11.33
C GLU A 770 -21.77 21.62 -12.48
N ASP A 771 -21.32 22.13 -13.64
CA ASP A 771 -21.14 21.28 -14.81
C ASP A 771 -20.07 20.21 -14.55
N GLU A 772 -20.26 19.02 -15.14
CA GLU A 772 -19.36 17.88 -14.94
C GLU A 772 -17.87 18.27 -15.12
N SER A 773 -17.59 19.22 -16.01
CA SER A 773 -16.21 19.62 -16.27
C SER A 773 -15.55 20.26 -15.04
N LYS A 774 -16.35 20.50 -14.01
CA LYS A 774 -15.85 21.16 -12.82
C LYS A 774 -15.66 20.22 -11.64
N TRP A 775 -16.04 18.95 -11.79
CA TRP A 775 -15.96 18.06 -10.62
C TRP A 775 -15.71 16.57 -10.88
N VAL A 776 -16.06 16.07 -12.07
CA VAL A 776 -15.95 14.64 -12.32
C VAL A 776 -14.51 14.12 -12.32
N GLU A 777 -13.60 14.82 -12.97
CA GLU A 777 -12.22 14.34 -12.99
C GLU A 777 -11.64 14.29 -11.57
N GLU A 778 -11.99 15.29 -10.76
CA GLU A 778 -11.53 15.37 -9.37
C GLU A 778 -11.97 14.12 -8.60
N LEU A 779 -13.22 13.70 -8.85
CA LEU A 779 -13.72 12.48 -8.20
C LEU A 779 -12.95 11.27 -8.68
N MET A 780 -12.71 11.21 -9.98
CA MET A 780 -12.02 10.07 -10.56
C MET A 780 -10.60 9.94 -10.01
N LYS A 781 -9.89 11.05 -9.88
CA LYS A 781 -8.54 11.04 -9.36
C LYS A 781 -8.49 10.43 -7.96
N MET A 782 -9.49 10.72 -7.14
CA MET A 782 -9.54 10.21 -5.76
C MET A 782 -9.75 8.70 -5.75
N HIS A 783 -10.34 8.20 -6.83
CA HIS A 783 -10.67 6.79 -6.93
C HIS A 783 -9.82 6.05 -7.94
N THR A 784 -8.65 6.59 -8.20
CA THR A 784 -7.66 5.87 -8.97
C THR A 784 -7.39 4.51 -8.32
N ALA A 785 -6.93 3.54 -9.11
CA ALA A 785 -6.73 2.19 -8.60
C ALA A 785 -5.63 1.45 -9.34
N ARG A 786 -5.12 0.37 -8.76
CA ARG A 786 -4.18 -0.50 -9.45
C ARG A 786 -4.98 -1.55 -10.20
N VAL A 787 -4.42 -2.09 -11.28
CA VAL A 787 -5.08 -3.17 -11.97
C VAL A 787 -5.26 -4.34 -10.99
N ARG A 788 -4.27 -4.54 -10.13
CA ARG A 788 -4.32 -5.61 -9.16
C ARG A 788 -5.55 -5.51 -8.25
N ASP A 789 -5.92 -4.28 -7.90
CA ASP A 789 -7.09 -4.05 -7.06
C ASP A 789 -8.35 -4.56 -7.77
N ILE A 790 -8.44 -4.25 -9.05
CA ILE A 790 -9.55 -4.67 -9.89
C ILE A 790 -9.60 -6.20 -10.00
N GLU A 791 -8.42 -6.81 -10.11
CA GLU A 791 -8.35 -8.27 -10.17
C GLU A 791 -8.92 -8.94 -8.92
N HIS A 792 -8.56 -8.43 -7.74
CA HIS A 792 -9.14 -8.97 -6.51
C HIS A 792 -10.65 -8.85 -6.54
N LEU A 793 -11.15 -7.70 -6.97
CA LEU A 793 -12.57 -7.38 -6.89
C LEU A 793 -13.40 -8.07 -7.98
N THR A 794 -12.74 -8.65 -8.99
CA THR A 794 -13.48 -9.24 -10.13
C THR A 794 -13.21 -10.71 -10.39
N GLY A 795 -12.17 -11.25 -9.78
CA GLY A 795 -11.69 -12.58 -10.11
C GLY A 795 -11.22 -12.72 -11.55
N LEU A 796 -10.83 -11.61 -12.17
CA LEU A 796 -10.24 -11.65 -13.53
C LEU A 796 -8.71 -11.52 -13.50
N ASP A 797 -8.03 -12.08 -14.50
CA ASP A 797 -6.58 -11.92 -14.62
C ASP A 797 -6.23 -11.27 -15.96
N PHE A 798 -5.64 -10.10 -15.93
CA PHE A 798 -5.43 -9.30 -17.15
C PHE A 798 -4.01 -9.46 -17.73
N TYR A 799 -3.78 -8.97 -18.96
CA TYR A 799 -2.43 -8.93 -19.57
C TYR A 799 -1.76 -10.30 -19.73
N ARG A 800 -2.54 -11.32 -20.08
CA ARG A 800 -2.01 -12.68 -20.18
C ARG A 800 -1.25 -12.94 -21.50
N LYS A 801 -1.50 -12.11 -22.51
CA LYS A 801 -0.84 -12.25 -23.81
C LYS A 801 -0.14 -10.97 -24.22
N THR A 802 1.13 -10.83 -23.87
CA THR A 802 1.89 -9.63 -24.23
C THR A 802 3.29 -10.08 -24.61
N SER A 803 4.10 -9.12 -25.04
CA SER A 803 5.49 -9.39 -25.39
C SER A 803 6.45 -9.10 -24.23
N ARG A 804 5.89 -8.82 -23.05
CA ARG A 804 6.70 -8.48 -21.88
C ARG A 804 6.85 -9.67 -20.94
N SER A 805 7.83 -9.62 -20.04
CA SER A 805 8.01 -10.70 -19.06
C SER A 805 6.83 -10.71 -18.09
N TYR A 806 6.57 -11.86 -17.46
CA TYR A 806 5.48 -11.92 -16.49
C TYR A 806 5.80 -10.95 -15.33
N SER A 807 7.07 -10.88 -14.93
CA SER A 807 7.49 -9.98 -13.84
C SER A 807 7.19 -8.51 -14.17
N GLU A 808 7.48 -8.11 -15.40
CA GLU A 808 7.20 -6.74 -15.84
C GLU A 808 5.72 -6.47 -15.78
N ILE A 809 4.91 -7.46 -16.16
CA ILE A 809 3.49 -7.29 -16.17
C ILE A 809 3.01 -7.15 -14.71
N LEU A 810 3.61 -7.92 -13.82
CA LEU A 810 3.23 -7.83 -12.40
C LEU A 810 3.53 -6.42 -11.87
N THR A 811 4.69 -5.88 -12.25
CA THR A 811 4.96 -4.47 -11.91
C THR A 811 3.89 -3.53 -12.48
N LEU A 812 3.50 -3.74 -13.74
CA LEU A 812 2.47 -2.95 -14.36
C LEU A 812 1.16 -3.03 -13.58
N LYS A 813 0.81 -4.25 -13.15
CA LYS A 813 -0.45 -4.43 -12.45
C LYS A 813 -0.50 -3.76 -11.06
N THR A 814 0.66 -3.55 -10.46
CA THR A 814 0.70 -2.90 -9.14
C THR A 814 0.81 -1.39 -9.20
N TYR A 815 1.01 -0.86 -10.41
CA TYR A 815 1.16 0.59 -10.61
C TYR A 815 -0.09 1.36 -10.17
N LEU A 816 0.10 2.48 -9.48
CA LEU A 816 -1.02 3.33 -9.13
C LEU A 816 -0.75 4.71 -9.70
N HIS A 817 -1.64 5.19 -10.56
CA HIS A 817 -1.51 6.55 -11.06
C HIS A 817 -2.05 7.52 -10.00
N THR A 818 -1.17 8.28 -9.35
CA THR A 818 -1.59 9.08 -8.18
C THR A 818 -2.10 10.50 -8.43
N TYR A 819 -1.73 11.09 -9.56
CA TYR A 819 -2.17 12.48 -9.86
C TYR A 819 -1.61 13.54 -8.88
N GLU A 820 -0.42 13.29 -8.36
CA GLU A 820 0.22 14.23 -7.43
C GLU A 820 1.29 15.09 -8.09
#